data_1OK7
#
_entry.id   1OK7
#
_cell.length_a   41.230
_cell.length_b   65.220
_cell.length_c   73.380
_cell.angle_alpha   73.11
_cell.angle_beta   85.58
_cell.angle_gamma   85.80
#
_symmetry.space_group_name_H-M   'P 1'
#
loop_
_entity.id
_entity.type
_entity.pdbx_description
1 polymer 'DNA POLYMERASE III'
2 polymer 'DNA POLYMERASE IV'
3 water water
#
loop_
_entity_poly.entity_id
_entity_poly.type
_entity_poly.pdbx_seq_one_letter_code
_entity_poly.pdbx_strand_id
1 'polypeptide(L)'
;MKFTVEREHLLKPLQQVSGPLGGRPTLPILGNLLLQVADGTLSLTGTDLEMEMVARVALVQPHEPGATTVPARKFFDICR
GLPEGAEIAVQLEGERMLVRSGRSRFSLSTLPAADFPNLDDWQSEVEFTLPQATMKRLIEATQFSMAHQDVRYYLNGMLF
ETEGEELRTVATDGHRLAVCSMPIGQSLPSHSVIVPRKGVIELMRMLDGGDNPLRVQIGSNNIRAHVGDFIFTSKLVDGR
FPDYRRVLPKNPDKHLEAGCDLLKQAFARAAILSNEKFRGVRLYVSENQLKITANNPEQEEAEEILDVTYSGAEMEIGFN
VSYVLDVLNALKCENVRMMLTDSVSSVQIEDAASQSAAYVVMPMRL
;
A,B
2 'polypeptide(L)' VTLLDPQMERQLVLGL C
#
# COMPACT_ATOMS: atom_id res chain seq x y z
N MET A 1 -0.52 -19.38 35.46
CA MET A 1 -0.15 -18.01 34.95
C MET A 1 -1.40 -17.15 34.84
N LYS A 2 -1.35 -15.96 35.43
CA LYS A 2 -2.51 -15.07 35.40
C LYS A 2 -2.03 -13.63 35.54
N PHE A 3 -2.65 -12.72 34.79
CA PHE A 3 -2.29 -11.31 34.92
C PHE A 3 -3.42 -10.47 34.39
N THR A 4 -3.49 -9.22 34.83
CA THR A 4 -4.52 -8.30 34.33
C THR A 4 -3.75 -7.03 34.07
N VAL A 5 -3.92 -6.46 32.88
CA VAL A 5 -3.18 -5.26 32.56
C VAL A 5 -3.93 -4.40 31.57
N GLU A 6 -3.62 -3.10 31.58
CA GLU A 6 -4.27 -2.21 30.64
C GLU A 6 -3.84 -2.51 29.21
N ARG A 7 -4.80 -2.47 28.29
CA ARG A 7 -4.53 -2.68 26.87
C ARG A 7 -3.43 -1.72 26.43
N GLU A 8 -3.52 -0.50 26.94
CA GLU A 8 -2.60 0.56 26.61
C GLU A 8 -1.13 0.19 26.90
N HIS A 9 -0.90 -0.67 27.90
CA HIS A 9 0.45 -1.07 28.26
C HIS A 9 0.96 -2.26 27.44
N LEU A 10 0.05 -2.95 26.77
CA LEU A 10 0.41 -4.11 25.95
C LEU A 10 0.65 -3.86 24.48
N LEU A 11 0.00 -2.82 23.96
CA LEU A 11 0.07 -2.50 22.54
C LEU A 11 1.46 -2.41 21.91
N LYS A 12 2.29 -1.51 22.40
CA LYS A 12 3.62 -1.35 21.82
C LYS A 12 4.45 -2.62 21.98
N PRO A 13 4.49 -3.19 23.20
CA PRO A 13 5.27 -4.42 23.35
C PRO A 13 4.85 -5.49 22.35
N LEU A 14 3.54 -5.71 22.21
CA LEU A 14 3.06 -6.73 21.29
C LEU A 14 3.47 -6.49 19.83
N GLN A 15 3.38 -5.25 19.40
CA GLN A 15 3.74 -4.92 18.03
C GLN A 15 5.21 -5.24 17.81
N GLN A 16 6.02 -4.87 18.78
CA GLN A 16 7.47 -5.08 18.70
C GLN A 16 7.86 -6.55 18.56
N VAL A 17 7.28 -7.41 19.39
CA VAL A 17 7.64 -8.83 19.33
C VAL A 17 6.89 -9.65 18.30
N SER A 18 5.74 -9.17 17.86
CA SER A 18 4.93 -9.88 16.88
C SER A 18 5.39 -9.55 15.47
N GLY A 19 6.17 -8.48 15.36
CA GLY A 19 6.67 -8.03 14.07
C GLY A 19 7.14 -9.14 13.15
N PRO A 20 8.34 -9.70 13.37
CA PRO A 20 8.82 -10.78 12.51
C PRO A 20 7.84 -11.95 12.48
N LEU A 21 6.89 -11.90 11.55
CA LEU A 21 5.88 -12.95 11.42
C LEU A 21 4.84 -12.61 10.34
N GLY A 22 3.90 -13.53 10.12
CA GLY A 22 2.87 -13.33 9.12
C GLY A 22 3.08 -14.25 7.93
N GLY A 23 4.11 -13.95 7.14
CA GLY A 23 4.41 -14.74 5.97
C GLY A 23 4.83 -16.17 6.27
N ARG A 24 4.00 -17.12 5.86
CA ARG A 24 4.24 -18.55 6.05
C ARG A 24 5.16 -18.90 7.22
N PRO A 25 4.64 -18.80 8.45
CA PRO A 25 5.48 -19.11 9.62
C PRO A 25 5.86 -20.60 9.55
N THR A 26 7.14 -20.90 9.53
CA THR A 26 7.60 -22.29 9.46
C THR A 26 7.01 -23.11 10.60
N LEU A 27 7.87 -23.56 11.51
CA LEU A 27 7.41 -24.34 12.66
C LEU A 27 6.22 -23.61 13.28
N PRO A 28 5.15 -24.33 13.61
CA PRO A 28 3.98 -23.69 14.21
C PRO A 28 4.35 -22.84 15.43
N ILE A 29 5.26 -23.37 16.24
CA ILE A 29 5.72 -22.72 17.46
C ILE A 29 6.25 -21.32 17.16
N LEU A 30 6.84 -21.14 15.98
CA LEU A 30 7.42 -19.82 15.66
C LEU A 30 6.40 -18.73 15.39
N GLY A 31 5.13 -19.13 15.26
CA GLY A 31 4.08 -18.16 15.03
C GLY A 31 3.42 -17.77 16.35
N ASN A 32 3.96 -18.31 17.43
CA ASN A 32 3.44 -18.01 18.78
C ASN A 32 4.36 -17.07 19.49
N LEU A 33 3.82 -16.46 20.55
CA LEU A 33 4.61 -15.56 21.39
C LEU A 33 4.72 -16.27 22.71
N LEU A 34 5.91 -16.21 23.30
CA LEU A 34 6.10 -16.80 24.61
C LEU A 34 5.72 -15.72 25.62
N LEU A 35 4.81 -16.07 26.54
CA LEU A 35 4.38 -15.17 27.63
C LEU A 35 4.86 -15.76 28.94
N GLN A 36 5.58 -14.96 29.74
CA GLN A 36 6.08 -15.43 31.01
C GLN A 36 5.81 -14.40 32.11
N VAL A 37 5.20 -14.84 33.22
CA VAL A 37 4.96 -13.95 34.36
C VAL A 37 5.90 -14.39 35.48
N ALA A 38 6.79 -13.48 35.90
CA ALA A 38 7.74 -13.79 36.97
C ALA A 38 8.11 -12.48 37.64
N ASP A 39 8.25 -12.50 38.97
CA ASP A 39 8.61 -11.32 39.75
C ASP A 39 7.98 -10.00 39.30
N GLY A 40 6.66 -9.95 39.24
CA GLY A 40 5.98 -8.71 38.86
C GLY A 40 6.16 -8.21 37.43
N THR A 41 6.70 -9.06 36.57
CA THR A 41 6.91 -8.69 35.19
C THR A 41 6.29 -9.68 34.21
N LEU A 42 5.74 -9.17 33.12
CA LEU A 42 5.23 -10.04 32.07
C LEU A 42 6.25 -9.87 30.96
N SER A 43 6.85 -10.98 30.50
CA SER A 43 7.79 -10.87 29.39
C SER A 43 7.12 -11.48 28.19
N LEU A 44 7.33 -10.88 27.02
CA LEU A 44 6.73 -11.39 25.79
C LEU A 44 7.87 -11.62 24.81
N THR A 45 7.91 -12.80 24.19
CA THR A 45 9.00 -13.09 23.26
C THR A 45 8.55 -13.63 21.91
N GLY A 46 9.11 -13.08 20.84
CA GLY A 46 8.82 -13.53 19.48
C GLY A 46 10.13 -14.03 18.85
N THR A 47 10.08 -15.01 17.95
CA THR A 47 11.33 -15.50 17.36
C THR A 47 11.10 -16.23 16.03
N ASP A 48 12.13 -16.26 15.19
CA ASP A 48 12.04 -16.99 13.91
C ASP A 48 13.22 -17.97 13.81
N LEU A 49 13.84 -18.21 14.98
CA LEU A 49 14.98 -19.09 15.15
C LEU A 49 16.30 -18.41 14.83
N GLU A 50 16.27 -17.38 14.00
CA GLU A 50 17.49 -16.67 13.65
C GLU A 50 17.66 -15.49 14.58
N MET A 51 16.53 -14.92 15.02
CA MET A 51 16.55 -13.75 15.90
C MET A 51 15.38 -13.84 16.86
N GLU A 52 15.46 -13.04 17.92
CA GLU A 52 14.45 -13.06 18.97
C GLU A 52 14.27 -11.64 19.49
N MET A 53 13.04 -11.31 19.82
CA MET A 53 12.73 -9.99 20.35
C MET A 53 11.99 -10.20 21.67
N VAL A 54 12.45 -9.57 22.73
CA VAL A 54 11.83 -9.71 24.05
C VAL A 54 11.37 -8.36 24.57
N ALA A 55 10.14 -8.31 25.08
CA ALA A 55 9.62 -7.06 25.66
C ALA A 55 9.16 -7.31 27.10
N ARG A 56 9.23 -6.29 27.95
CA ARG A 56 8.78 -6.47 29.33
C ARG A 56 7.70 -5.45 29.68
N VAL A 57 6.74 -5.89 30.49
CA VAL A 57 5.61 -5.06 30.93
C VAL A 57 5.48 -5.24 32.44
N ALA A 58 5.40 -4.14 33.18
CA ALA A 58 5.26 -4.27 34.63
C ALA A 58 3.82 -4.61 35.01
N LEU A 59 3.67 -5.47 36.03
CA LEU A 59 2.37 -5.90 36.51
C LEU A 59 2.12 -5.40 37.93
N VAL A 60 1.10 -4.56 38.10
CA VAL A 60 0.81 -4.04 39.43
C VAL A 60 -0.44 -4.71 39.99
N GLN A 61 -1.30 -5.19 39.08
CA GLN A 61 -2.53 -5.86 39.49
C GLN A 61 -2.19 -7.29 39.91
N PRO A 62 -3.06 -7.94 40.71
CA PRO A 62 -2.75 -9.31 41.12
C PRO A 62 -2.36 -10.17 39.95
N HIS A 63 -1.35 -11.00 40.16
CA HIS A 63 -0.86 -11.88 39.11
C HIS A 63 -0.29 -13.15 39.70
N GLU A 64 -0.12 -14.16 38.84
CA GLU A 64 0.44 -15.44 39.27
C GLU A 64 1.46 -15.87 38.24
N PRO A 65 2.59 -16.40 38.69
CA PRO A 65 3.65 -16.83 37.78
C PRO A 65 3.32 -18.01 36.91
N GLY A 66 4.00 -18.06 35.78
CA GLY A 66 3.81 -19.13 34.84
C GLY A 66 4.16 -18.69 33.44
N ALA A 67 4.11 -19.63 32.52
CA ALA A 67 4.44 -19.33 31.15
C ALA A 67 3.68 -20.24 30.21
N THR A 68 3.48 -19.74 29.01
CA THR A 68 2.82 -20.49 27.95
C THR A 68 3.10 -19.77 26.64
N THR A 69 2.64 -20.33 25.52
CA THR A 69 2.83 -19.63 24.26
C THR A 69 1.47 -19.62 23.55
N VAL A 70 1.17 -18.55 22.83
CA VAL A 70 -0.12 -18.40 22.12
C VAL A 70 0.09 -17.78 20.74
N PRO A 71 -0.86 -17.96 19.83
CA PRO A 71 -0.74 -17.38 18.48
C PRO A 71 -0.48 -15.88 18.57
N ALA A 72 0.66 -15.44 18.06
CA ALA A 72 1.03 -14.04 18.17
C ALA A 72 0.11 -13.05 17.46
N ARG A 73 -0.18 -13.30 16.19
CA ARG A 73 -1.02 -12.39 15.43
C ARG A 73 -2.44 -12.33 16.01
N LYS A 74 -2.98 -13.48 16.35
CA LYS A 74 -4.32 -13.50 16.92
C LYS A 74 -4.37 -12.76 18.25
N PHE A 75 -3.40 -13.01 19.12
CA PHE A 75 -3.40 -12.34 20.42
C PHE A 75 -3.25 -10.83 20.23
N PHE A 76 -2.35 -10.41 19.33
CA PHE A 76 -2.18 -8.98 19.06
C PHE A 76 -3.46 -8.35 18.48
N ASP A 77 -4.08 -9.01 17.51
CA ASP A 77 -5.31 -8.48 16.92
C ASP A 77 -6.44 -8.39 17.94
N ILE A 78 -6.54 -9.36 18.84
CA ILE A 78 -7.59 -9.31 19.85
C ILE A 78 -7.34 -8.11 20.77
N CYS A 79 -6.11 -7.95 21.22
CA CYS A 79 -5.81 -6.82 22.11
C CYS A 79 -6.05 -5.47 21.42
N ARG A 80 -5.56 -5.35 20.19
CA ARG A 80 -5.73 -4.11 19.44
C ARG A 80 -7.19 -3.83 19.11
N GLY A 81 -7.98 -4.89 18.90
CA GLY A 81 -9.39 -4.73 18.56
C GLY A 81 -10.29 -4.33 19.70
N LEU A 82 -9.79 -4.49 20.92
CA LEU A 82 -10.56 -4.10 22.10
C LEU A 82 -10.56 -2.58 22.16
N PRO A 83 -11.55 -1.99 22.84
CA PRO A 83 -11.64 -0.53 22.94
C PRO A 83 -10.55 0.16 23.73
N GLU A 84 -10.30 1.42 23.38
CA GLU A 84 -9.32 2.22 24.09
C GLU A 84 -9.70 2.22 25.57
N GLY A 85 -8.72 2.04 26.44
CA GLY A 85 -8.98 2.04 27.87
C GLY A 85 -9.36 0.69 28.45
N ALA A 86 -9.48 -0.33 27.61
CA ALA A 86 -9.84 -1.65 28.09
C ALA A 86 -8.79 -2.24 29.02
N GLU A 87 -9.25 -3.06 29.96
CA GLU A 87 -8.43 -3.80 30.88
C GLU A 87 -8.47 -5.21 30.36
N ILE A 88 -7.34 -5.90 30.31
CA ILE A 88 -7.31 -7.24 29.76
C ILE A 88 -6.85 -8.25 30.81
N ALA A 89 -7.74 -9.20 31.11
CA ALA A 89 -7.45 -10.24 32.11
C ALA A 89 -7.10 -11.50 31.36
N VAL A 90 -6.00 -12.12 31.73
CA VAL A 90 -5.52 -13.30 31.02
C VAL A 90 -5.18 -14.40 32.01
N GLN A 91 -5.62 -15.62 31.70
CA GLN A 91 -5.27 -16.74 32.58
C GLN A 91 -5.10 -18.00 31.77
N LEU A 92 -4.09 -18.77 32.14
CA LEU A 92 -3.83 -20.03 31.48
C LEU A 92 -4.75 -21.04 32.16
N GLU A 93 -5.47 -21.80 31.36
CA GLU A 93 -6.39 -22.82 31.85
C GLU A 93 -6.15 -24.08 31.05
N GLY A 94 -5.10 -24.81 31.42
CA GLY A 94 -4.79 -26.04 30.73
C GLY A 94 -4.30 -25.84 29.30
N GLU A 95 -5.05 -26.37 28.34
CA GLU A 95 -4.65 -26.25 26.94
C GLU A 95 -5.05 -24.93 26.28
N ARG A 96 -5.79 -24.09 26.99
CA ARG A 96 -6.19 -22.82 26.43
C ARG A 96 -5.80 -21.66 27.31
N MET A 97 -5.70 -20.50 26.69
CA MET A 97 -5.41 -19.29 27.44
C MET A 97 -6.67 -18.45 27.27
N LEU A 98 -7.28 -18.09 28.40
CA LEU A 98 -8.51 -17.32 28.37
C LEU A 98 -8.20 -15.83 28.51
N VAL A 99 -8.71 -15.05 27.57
CA VAL A 99 -8.54 -13.60 27.55
C VAL A 99 -9.92 -12.98 27.73
N ARG A 100 -10.06 -12.11 28.74
CA ARG A 100 -11.33 -11.46 29.03
C ARG A 100 -11.21 -9.96 29.14
N SER A 101 -12.17 -9.24 28.58
CA SER A 101 -12.18 -7.78 28.70
C SER A 101 -13.64 -7.38 28.50
N GLY A 102 -14.22 -6.65 29.46
CA GLY A 102 -15.63 -6.28 29.33
C GLY A 102 -16.43 -7.56 29.19
N ARG A 103 -17.32 -7.61 28.20
CA ARG A 103 -18.13 -8.80 27.95
C ARG A 103 -17.62 -9.49 26.68
N SER A 104 -16.30 -9.37 26.47
CA SER A 104 -15.64 -10.03 25.34
C SER A 104 -14.79 -11.15 25.94
N ARG A 105 -14.86 -12.33 25.34
CA ARG A 105 -14.09 -13.50 25.80
C ARG A 105 -13.42 -14.18 24.64
N PHE A 106 -12.17 -14.59 24.85
CA PHE A 106 -11.44 -15.29 23.80
C PHE A 106 -10.68 -16.45 24.41
N SER A 107 -10.76 -17.62 23.78
CA SER A 107 -10.01 -18.77 24.25
C SER A 107 -9.04 -19.11 23.12
N LEU A 108 -7.74 -18.97 23.40
CA LEU A 108 -6.69 -19.23 22.42
C LEU A 108 -5.98 -20.55 22.67
N SER A 109 -5.53 -21.19 21.59
CA SER A 109 -4.80 -22.44 21.68
C SER A 109 -3.41 -22.14 22.22
N THR A 110 -2.81 -23.11 22.89
CA THR A 110 -1.47 -22.90 23.42
C THR A 110 -0.54 -24.02 23.01
N LEU A 111 0.73 -23.78 23.19
CA LEU A 111 1.79 -24.72 23.00
C LEU A 111 2.70 -24.52 24.18
N PRO A 112 3.27 -25.60 24.72
CA PRO A 112 4.13 -25.54 25.90
C PRO A 112 5.28 -24.54 25.82
N ALA A 113 5.45 -23.80 26.92
CA ALA A 113 6.54 -22.83 26.98
C ALA A 113 7.86 -23.59 26.81
N ALA A 114 7.89 -24.84 27.26
CA ALA A 114 9.08 -25.66 27.14
C ALA A 114 9.48 -25.92 25.69
N ASP A 115 8.53 -25.76 24.77
CA ASP A 115 8.76 -25.98 23.34
C ASP A 115 9.30 -24.75 22.62
N PHE A 116 9.15 -23.57 23.24
CA PHE A 116 9.58 -22.35 22.62
C PHE A 116 11.09 -22.31 22.42
N PRO A 117 11.53 -22.25 21.15
CA PRO A 117 12.96 -22.21 20.83
C PRO A 117 13.55 -20.93 21.40
N ASN A 118 14.76 -21.02 21.90
CA ASN A 118 15.44 -19.85 22.43
C ASN A 118 16.90 -19.97 22.01
N LEU A 119 17.49 -18.85 21.62
CA LEU A 119 18.89 -18.86 21.21
C LEU A 119 19.74 -19.41 22.32
N ASP A 120 20.70 -20.24 21.96
CA ASP A 120 21.60 -20.83 22.94
C ASP A 120 22.36 -19.72 23.62
N ASP A 121 22.80 -19.98 24.85
CA ASP A 121 23.55 -18.98 25.57
C ASP A 121 24.80 -18.66 24.76
N TRP A 122 25.24 -17.42 24.86
CA TRP A 122 26.41 -16.98 24.15
C TRP A 122 27.11 -15.94 25.03
N GLN A 123 28.26 -15.48 24.58
CA GLN A 123 29.02 -14.51 25.36
C GLN A 123 29.39 -13.23 24.61
N SER A 124 29.17 -12.06 25.20
CA SER A 124 29.54 -10.84 24.50
C SER A 124 31.03 -10.62 24.64
N GLU A 125 31.62 -10.04 23.60
CA GLU A 125 33.05 -9.77 23.55
C GLU A 125 33.33 -8.30 23.26
N VAL A 126 32.33 -7.59 22.77
CA VAL A 126 32.45 -6.17 22.46
C VAL A 126 31.16 -5.50 22.89
N GLU A 127 31.27 -4.40 23.63
CA GLU A 127 30.08 -3.67 24.08
C GLU A 127 30.26 -2.18 23.94
N PHE A 128 29.17 -1.49 23.59
CA PHE A 128 29.20 -0.05 23.47
C PHE A 128 27.79 0.50 23.42
N THR A 129 27.67 1.81 23.60
CA THR A 129 26.39 2.46 23.54
C THR A 129 26.51 3.53 22.49
N LEU A 130 25.37 3.92 21.93
CA LEU A 130 25.34 4.99 20.95
C LEU A 130 23.90 5.44 20.82
N PRO A 131 23.70 6.68 20.34
CA PRO A 131 22.38 7.25 20.16
C PRO A 131 21.54 6.48 19.15
N GLN A 132 20.24 6.37 19.41
CA GLN A 132 19.35 5.66 18.49
C GLN A 132 19.46 6.30 17.11
N ALA A 133 19.54 7.62 17.07
CA ALA A 133 19.64 8.33 15.79
C ALA A 133 20.91 7.99 15.03
N THR A 134 22.00 7.67 15.73
CA THR A 134 23.24 7.35 15.05
C THR A 134 23.13 5.98 14.39
N MET A 135 22.54 5.04 15.12
CA MET A 135 22.35 3.70 14.58
C MET A 135 21.44 3.75 13.36
N LYS A 136 20.35 4.52 13.44
CA LYS A 136 19.41 4.66 12.34
C LYS A 136 20.13 5.23 11.12
N ARG A 137 20.97 6.23 11.34
CA ARG A 137 21.70 6.83 10.26
C ARG A 137 22.65 5.81 9.61
N LEU A 138 23.33 5.02 10.43
CA LEU A 138 24.25 4.04 9.89
C LEU A 138 23.55 3.02 9.02
N ILE A 139 22.39 2.55 9.49
CA ILE A 139 21.66 1.56 8.73
C ILE A 139 21.01 2.13 7.46
N GLU A 140 20.29 3.25 7.59
CA GLU A 140 19.65 3.85 6.43
C GLU A 140 20.65 4.24 5.34
N ALA A 141 21.87 4.57 5.74
CA ALA A 141 22.88 5.01 4.79
C ALA A 141 23.36 3.89 3.89
N THR A 142 23.19 2.66 4.32
CA THR A 142 23.74 1.54 3.56
C THR A 142 22.82 0.37 3.25
N GLN A 143 21.71 0.24 3.98
CA GLN A 143 20.81 -0.91 3.83
C GLN A 143 20.40 -1.31 2.42
N PHE A 144 20.13 -0.30 1.59
CA PHE A 144 19.70 -0.52 0.23
C PHE A 144 20.71 -1.24 -0.66
N SER A 145 21.98 -1.25 -0.26
CA SER A 145 23.02 -1.92 -1.07
C SER A 145 23.25 -3.38 -0.70
N MET A 146 22.53 -3.89 0.30
CA MET A 146 22.67 -5.30 0.66
C MET A 146 22.11 -6.16 -0.47
N ALA A 147 22.66 -7.37 -0.65
CA ALA A 147 22.15 -8.25 -1.68
C ALA A 147 20.82 -8.85 -1.21
N HIS A 148 20.07 -9.38 -2.17
CA HIS A 148 18.78 -10.04 -1.90
C HIS A 148 18.82 -11.47 -2.41
N GLN A 149 18.79 -12.43 -1.51
CA GLN A 149 18.78 -13.85 -1.88
C GLN A 149 19.96 -14.28 -2.75
N ASP A 150 21.11 -13.70 -2.52
CA ASP A 150 22.31 -14.06 -3.27
C ASP A 150 22.85 -15.38 -2.70
N VAL A 151 23.31 -16.26 -3.59
CA VAL A 151 23.87 -17.54 -3.17
C VAL A 151 25.00 -17.33 -2.16
N ARG A 152 25.65 -16.17 -2.23
CA ARG A 152 26.71 -15.85 -1.29
C ARG A 152 25.97 -15.20 -0.12
N TYR A 153 25.55 -16.04 0.81
CA TYR A 153 24.78 -15.63 1.98
C TYR A 153 25.36 -14.46 2.76
N TYR A 154 26.69 -14.36 2.81
CA TYR A 154 27.33 -13.29 3.57
C TYR A 154 27.08 -11.90 2.98
N LEU A 155 26.53 -11.83 1.77
CA LEU A 155 26.22 -10.54 1.15
C LEU A 155 24.77 -10.14 1.42
N ASN A 156 23.98 -11.09 1.93
CA ASN A 156 22.56 -10.87 2.24
C ASN A 156 22.52 -10.39 3.69
N GLY A 157 23.33 -9.40 3.97
CA GLY A 157 23.35 -8.89 5.32
C GLY A 157 24.16 -7.63 5.30
N MET A 158 24.48 -7.13 6.49
CA MET A 158 25.23 -5.90 6.62
C MET A 158 26.42 -6.06 7.55
N LEU A 159 27.58 -5.57 7.13
CA LEU A 159 28.76 -5.65 7.98
C LEU A 159 28.70 -4.53 9.02
N PHE A 160 28.93 -4.89 10.28
CA PHE A 160 29.01 -3.89 11.36
C PHE A 160 30.45 -4.02 11.84
N GLU A 161 31.20 -2.92 11.77
CA GLU A 161 32.59 -2.94 12.15
C GLU A 161 32.94 -1.85 13.13
N THR A 162 33.72 -2.21 14.14
CA THR A 162 34.17 -1.23 15.12
C THR A 162 35.65 -0.98 14.81
N GLU A 163 36.06 0.27 14.81
CA GLU A 163 37.45 0.58 14.52
C GLU A 163 37.75 1.94 15.14
N GLY A 164 38.74 1.95 16.02
CA GLY A 164 39.09 3.17 16.71
C GLY A 164 37.90 3.60 17.55
N GLU A 165 37.36 4.76 17.24
CA GLU A 165 36.23 5.27 17.99
C GLU A 165 34.96 5.27 17.13
N GLU A 166 34.99 4.55 16.01
CA GLU A 166 33.82 4.54 15.14
C GLU A 166 33.12 3.21 14.93
N LEU A 167 31.85 3.28 14.63
CA LEU A 167 31.03 2.18 14.27
C LEU A 167 30.77 2.40 12.79
N ARG A 168 30.95 1.36 11.97
CA ARG A 168 30.79 1.49 10.53
C ARG A 168 29.91 0.39 10.01
N THR A 169 29.12 0.70 9.00
CA THR A 169 28.31 -0.32 8.36
C THR A 169 28.76 -0.37 6.90
N VAL A 170 28.72 -1.57 6.33
CA VAL A 170 29.08 -1.74 4.94
C VAL A 170 28.06 -2.70 4.33
N ALA A 171 27.61 -2.39 3.11
CA ALA A 171 26.69 -3.27 2.42
C ALA A 171 27.05 -3.28 0.94
N THR A 172 26.94 -4.45 0.34
CA THR A 172 27.23 -4.57 -1.09
C THR A 172 26.59 -5.82 -1.67
N ASP A 173 26.26 -5.72 -2.96
CA ASP A 173 25.64 -6.84 -3.66
C ASP A 173 26.52 -7.25 -4.82
N GLY A 174 27.74 -6.74 -4.84
CA GLY A 174 28.69 -7.08 -5.91
C GLY A 174 28.71 -6.11 -7.07
N HIS A 175 27.67 -5.28 -7.17
CA HIS A 175 27.57 -4.28 -8.22
C HIS A 175 27.77 -2.89 -7.67
N ARG A 176 27.25 -2.66 -6.47
CA ARG A 176 27.41 -1.37 -5.83
C ARG A 176 27.66 -1.62 -4.36
N LEU A 177 28.31 -0.66 -3.71
CA LEU A 177 28.67 -0.78 -2.31
C LEU A 177 28.38 0.53 -1.60
N ALA A 178 28.00 0.42 -0.34
CA ALA A 178 27.72 1.58 0.50
C ALA A 178 28.48 1.41 1.81
N VAL A 179 29.14 2.47 2.28
CA VAL A 179 29.84 2.40 3.56
C VAL A 179 29.58 3.69 4.34
N CYS A 180 29.38 3.56 5.64
CA CYS A 180 29.12 4.73 6.46
C CYS A 180 29.74 4.53 7.83
N SER A 181 30.44 5.54 8.34
CA SER A 181 31.04 5.40 9.67
C SER A 181 30.67 6.61 10.50
N MET A 182 30.51 6.40 11.80
N MET A 182 30.51 6.41 11.79
CA MET A 182 30.13 7.45 12.74
CA MET A 182 30.13 7.46 12.74
C MET A 182 30.87 7.28 14.06
C MET A 182 30.93 7.21 14.05
N PRO A 183 31.37 8.38 14.62
CA PRO A 183 32.10 8.34 15.88
C PRO A 183 31.12 8.15 17.04
N ILE A 184 31.52 7.37 18.03
CA ILE A 184 30.63 7.17 19.16
C ILE A 184 31.26 7.49 20.52
N GLY A 185 32.39 8.19 20.50
CA GLY A 185 33.03 8.62 21.73
C GLY A 185 33.54 7.59 22.71
N GLN A 186 33.84 6.40 22.21
CA GLN A 186 34.36 5.30 23.03
C GLN A 186 35.46 4.62 22.23
N SER A 187 36.53 4.23 22.91
CA SER A 187 37.64 3.55 22.27
C SER A 187 37.23 2.09 22.13
N LEU A 188 37.16 1.59 20.90
CA LEU A 188 36.70 0.23 20.65
C LEU A 188 37.74 -0.71 20.06
N PRO A 189 37.61 -2.02 20.36
CA PRO A 189 38.54 -3.00 19.81
C PRO A 189 38.12 -3.19 18.35
N SER A 190 39.05 -3.59 17.49
CA SER A 190 38.71 -3.80 16.09
C SER A 190 37.91 -5.07 15.98
N HIS A 191 36.70 -4.95 15.44
CA HIS A 191 35.84 -6.12 15.31
C HIS A 191 34.94 -5.96 14.10
N SER A 192 34.62 -7.08 13.46
CA SER A 192 33.78 -7.07 12.27
C SER A 192 32.84 -8.27 12.30
N VAL A 193 31.54 -8.01 12.12
CA VAL A 193 30.52 -9.08 12.06
C VAL A 193 29.48 -8.76 11.00
N ILE A 194 28.79 -9.79 10.52
CA ILE A 194 27.76 -9.64 9.50
C ILE A 194 26.41 -9.93 10.12
N VAL A 195 25.52 -8.93 10.08
CA VAL A 195 24.18 -9.10 10.63
C VAL A 195 23.26 -9.47 9.47
N PRO A 196 22.45 -10.53 9.62
CA PRO A 196 21.55 -10.93 8.53
C PRO A 196 20.55 -9.83 8.14
N ARG A 197 20.13 -9.80 6.88
CA ARG A 197 19.21 -8.73 6.49
C ARG A 197 17.94 -8.61 7.32
N LYS A 198 17.32 -9.71 7.72
CA LYS A 198 16.13 -9.63 8.54
C LYS A 198 16.42 -8.99 9.90
N GLY A 199 17.63 -9.22 10.42
CA GLY A 199 18.01 -8.63 11.70
C GLY A 199 18.20 -7.13 11.58
N VAL A 200 18.72 -6.72 10.43
CA VAL A 200 18.95 -5.30 10.18
C VAL A 200 17.61 -4.56 10.19
N ILE A 201 16.59 -5.18 9.58
CA ILE A 201 15.24 -4.61 9.51
C ILE A 201 14.67 -4.44 10.91
N GLU A 202 14.83 -5.49 11.70
CA GLU A 202 14.34 -5.51 13.07
C GLU A 202 15.03 -4.45 13.91
N LEU A 203 16.35 -4.31 13.73
CA LEU A 203 17.10 -3.31 14.48
C LEU A 203 16.51 -1.93 14.17
N MET A 204 16.30 -1.68 12.88
CA MET A 204 15.75 -0.41 12.44
C MET A 204 14.39 -0.18 13.12
N ARG A 205 13.59 -1.23 13.20
CA ARG A 205 12.25 -1.20 13.80
C ARG A 205 12.15 -0.74 15.25
N MET A 206 13.14 -1.07 16.06
CA MET A 206 13.07 -0.70 17.46
C MET A 206 13.65 0.67 17.76
N LEU A 207 14.09 1.37 16.73
CA LEU A 207 14.66 2.71 16.91
C LEU A 207 13.60 3.79 16.72
N ASP A 208 13.50 4.69 17.70
CA ASP A 208 12.54 5.79 17.65
C ASP A 208 13.21 7.14 17.85
N GLY A 209 14.51 7.20 17.62
CA GLY A 209 15.25 8.44 17.75
C GLY A 209 15.23 9.13 19.10
N GLY A 210 14.66 8.47 20.12
CA GLY A 210 14.63 9.08 21.44
C GLY A 210 16.04 9.38 21.93
N ASP A 211 16.17 10.20 22.97
CA ASP A 211 17.49 10.53 23.50
C ASP A 211 18.05 9.33 24.25
N ASN A 212 17.18 8.34 24.42
CA ASN A 212 17.46 7.07 25.08
C ASN A 212 18.49 6.34 24.21
N PRO A 213 19.70 6.07 24.73
CA PRO A 213 20.68 5.36 23.89
C PRO A 213 20.46 3.86 23.74
N LEU A 214 21.06 3.32 22.69
CA LEU A 214 20.99 1.89 22.38
C LEU A 214 22.23 1.25 23.00
N ARG A 215 22.08 0.10 23.65
CA ARG A 215 23.21 -0.60 24.24
C ARG A 215 23.42 -1.84 23.38
N VAL A 216 24.61 -1.95 22.79
CA VAL A 216 24.90 -3.08 21.90
C VAL A 216 25.94 -4.01 22.48
N GLN A 217 25.73 -5.31 22.29
CA GLN A 217 26.67 -6.32 22.74
C GLN A 217 26.90 -7.24 21.55
N ILE A 218 28.15 -7.48 21.20
CA ILE A 218 28.47 -8.36 20.07
C ILE A 218 29.32 -9.54 20.53
N GLY A 219 28.89 -10.74 20.15
CA GLY A 219 29.62 -11.97 20.47
C GLY A 219 30.21 -12.56 19.20
N SER A 220 30.80 -13.74 19.28
CA SER A 220 31.39 -14.34 18.09
C SER A 220 30.34 -14.75 17.07
N ASN A 221 29.14 -15.08 17.55
CA ASN A 221 28.08 -15.53 16.67
C ASN A 221 26.72 -14.90 16.89
N ASN A 222 26.68 -13.83 17.67
CA ASN A 222 25.40 -13.17 17.94
C ASN A 222 25.59 -11.69 18.16
N ILE A 223 24.50 -10.91 18.03
CA ILE A 223 24.53 -9.48 18.34
C ILE A 223 23.23 -9.22 19.12
N ARG A 224 23.32 -8.35 20.11
CA ARG A 224 22.18 -8.01 20.94
C ARG A 224 22.12 -6.50 21.05
N ALA A 225 20.90 -5.99 21.03
CA ALA A 225 20.68 -4.55 21.20
C ALA A 225 19.57 -4.35 22.23
N HIS A 226 19.83 -3.48 23.19
CA HIS A 226 18.86 -3.16 24.26
C HIS A 226 18.38 -1.73 24.05
N VAL A 227 17.08 -1.53 23.92
CA VAL A 227 16.50 -0.19 23.76
C VAL A 227 15.31 -0.14 24.71
N GLY A 228 15.35 0.74 25.68
CA GLY A 228 14.25 0.82 26.63
C GLY A 228 14.02 -0.54 27.24
N ASP A 229 12.78 -1.03 27.24
CA ASP A 229 12.54 -2.34 27.82
C ASP A 229 12.36 -3.43 26.77
N PHE A 230 13.07 -3.25 25.66
CA PHE A 230 13.06 -4.23 24.57
C PHE A 230 14.47 -4.75 24.38
N ILE A 231 14.58 -6.05 24.09
CA ILE A 231 15.90 -6.64 23.86
C ILE A 231 15.82 -7.47 22.60
N PHE A 232 16.63 -7.09 21.62
CA PHE A 232 16.69 -7.78 20.36
C PHE A 232 17.99 -8.56 20.24
N THR A 233 17.91 -9.82 19.81
CA THR A 233 19.13 -10.61 19.64
C THR A 233 19.04 -11.35 18.31
N SER A 234 20.14 -11.37 17.57
CA SER A 234 20.16 -12.10 16.31
C SER A 234 21.44 -12.88 16.15
N LYS A 235 21.36 -13.99 15.40
CA LYS A 235 22.56 -14.76 15.08
C LYS A 235 23.26 -13.92 14.01
N LEU A 236 24.56 -14.14 13.85
CA LEU A 236 25.34 -13.44 12.83
C LEU A 236 25.49 -14.39 11.64
N VAL A 237 25.98 -13.86 10.54
CA VAL A 237 26.18 -14.64 9.32
C VAL A 237 27.64 -15.03 9.18
N ASP A 238 27.90 -16.29 8.83
CA ASP A 238 29.28 -16.70 8.65
C ASP A 238 29.79 -16.23 7.28
N GLY A 239 31.09 -16.17 7.11
CA GLY A 239 31.62 -15.76 5.84
C GLY A 239 32.56 -14.59 5.97
N ARG A 240 33.37 -14.40 4.93
CA ARG A 240 34.33 -13.31 4.87
C ARG A 240 33.72 -12.21 4.02
N PHE A 241 33.36 -11.11 4.66
CA PHE A 241 32.76 -9.99 3.95
C PHE A 241 33.86 -9.23 3.19
N PRO A 242 33.53 -8.70 2.01
CA PRO A 242 34.55 -7.97 1.25
C PRO A 242 35.05 -6.73 2.00
N ASP A 243 36.29 -6.35 1.70
CA ASP A 243 36.93 -5.20 2.31
C ASP A 243 36.63 -3.96 1.49
N TYR A 244 35.83 -3.05 2.03
CA TYR A 244 35.46 -1.83 1.29
C TYR A 244 36.68 -1.00 0.89
N ARG A 245 37.74 -1.08 1.67
CA ARG A 245 38.93 -0.30 1.38
C ARG A 245 39.55 -0.65 0.02
N ARG A 246 39.34 -1.88 -0.42
CA ARG A 246 39.87 -2.33 -1.72
C ARG A 246 38.87 -2.08 -2.85
N VAL A 247 37.65 -1.67 -2.49
CA VAL A 247 36.60 -1.38 -3.47
C VAL A 247 36.59 0.12 -3.83
N LEU A 248 36.98 0.97 -2.88
CA LEU A 248 37.01 2.40 -3.18
C LEU A 248 38.00 2.64 -4.33
N PRO A 249 37.60 3.44 -5.32
CA PRO A 249 38.52 3.70 -6.44
C PRO A 249 39.84 4.29 -5.94
N LYS A 250 40.95 3.81 -6.49
CA LYS A 250 42.29 4.24 -6.09
C LYS A 250 42.57 5.72 -6.26
N ASN A 251 42.38 6.22 -7.47
CA ASN A 251 42.67 7.62 -7.74
C ASN A 251 41.56 8.21 -8.61
N PRO A 252 40.38 8.46 -8.00
CA PRO A 252 39.24 9.03 -8.72
C PRO A 252 39.42 10.54 -8.82
N ASP A 253 40.45 10.94 -9.56
CA ASP A 253 40.87 12.33 -9.75
C ASP A 253 39.89 13.36 -10.29
N LYS A 254 38.97 12.92 -11.15
CA LYS A 254 38.00 13.81 -11.76
C LYS A 254 36.79 14.01 -10.84
N HIS A 255 36.70 15.20 -10.25
CA HIS A 255 35.62 15.52 -9.30
C HIS A 255 34.54 16.43 -9.86
N LEU A 256 33.31 15.95 -9.81
CA LEU A 256 32.17 16.73 -10.28
C LEU A 256 31.22 16.96 -9.10
N GLU A 257 30.75 18.19 -8.91
CA GLU A 257 29.79 18.46 -7.84
C GLU A 257 28.49 18.90 -8.51
N ALA A 258 27.38 18.34 -8.03
CA ALA A 258 26.06 18.67 -8.58
C ALA A 258 25.01 18.78 -7.48
N GLY A 259 23.97 19.57 -7.74
CA GLY A 259 22.87 19.70 -6.79
C GLY A 259 22.23 18.33 -6.69
N CYS A 260 22.02 17.82 -5.48
CA CYS A 260 21.47 16.48 -5.33
C CYS A 260 20.09 16.30 -5.94
N ASP A 261 19.18 17.21 -5.61
CA ASP A 261 17.81 17.12 -6.14
C ASP A 261 17.79 17.25 -7.65
N LEU A 262 18.51 18.22 -8.18
CA LEU A 262 18.52 18.40 -9.62
C LEU A 262 19.09 17.18 -10.33
N LEU A 263 20.13 16.57 -9.78
CA LEU A 263 20.68 15.37 -10.40
C LEU A 263 19.67 14.23 -10.31
N LYS A 264 19.02 14.08 -9.16
CA LYS A 264 18.06 13.02 -8.96
C LYS A 264 16.87 13.10 -9.94
N GLN A 265 16.30 14.29 -10.09
CA GLN A 265 15.16 14.41 -10.99
C GLN A 265 15.55 14.26 -12.45
N ALA A 266 16.78 14.67 -12.80
CA ALA A 266 17.24 14.52 -14.18
C ALA A 266 17.39 13.02 -14.47
N PHE A 267 17.93 12.26 -13.51
CA PHE A 267 18.05 10.81 -13.67
C PHE A 267 16.68 10.17 -13.77
N ALA A 268 15.78 10.59 -12.87
CA ALA A 268 14.44 10.03 -12.86
C ALA A 268 13.68 10.27 -14.15
N ARG A 269 13.81 11.48 -14.72
CA ARG A 269 13.09 11.78 -15.95
C ARG A 269 13.74 11.05 -17.14
N ALA A 270 15.07 11.09 -17.23
CA ALA A 270 15.74 10.41 -18.35
C ALA A 270 15.39 8.91 -18.33
N ALA A 271 15.33 8.34 -17.14
CA ALA A 271 15.03 6.90 -17.01
C ALA A 271 13.71 6.43 -17.64
N ILE A 272 12.76 7.35 -17.82
CA ILE A 272 11.48 6.99 -18.41
C ILE A 272 11.63 6.43 -19.84
N LEU A 273 12.65 6.92 -20.58
CA LEU A 273 12.85 6.44 -21.95
C LEU A 273 14.07 5.55 -22.10
N SER A 274 14.45 4.92 -20.99
CA SER A 274 15.57 3.97 -21.03
C SER A 274 14.95 2.59 -21.27
N ASN A 275 15.76 1.54 -21.41
CA ASN A 275 15.17 0.22 -21.64
C ASN A 275 14.41 -0.26 -20.40
N GLU A 276 13.11 -0.51 -20.54
CA GLU A 276 12.27 -0.93 -19.40
C GLU A 276 12.75 -2.16 -18.64
N LYS A 277 13.39 -3.10 -19.33
CA LYS A 277 13.89 -4.33 -18.71
C LYS A 277 15.23 -4.16 -18.02
N PHE A 278 15.97 -3.12 -18.39
CA PHE A 278 17.29 -2.88 -17.81
C PHE A 278 17.59 -1.38 -17.95
N ARG A 279 17.13 -0.58 -16.98
CA ARG A 279 17.26 0.87 -17.07
C ARG A 279 18.60 1.48 -16.74
N GLY A 280 19.18 2.12 -17.75
CA GLY A 280 20.45 2.80 -17.59
C GLY A 280 20.47 4.10 -18.38
N VAL A 281 21.35 5.02 -17.99
CA VAL A 281 21.49 6.32 -18.68
C VAL A 281 22.97 6.58 -18.99
N ARG A 282 23.21 7.39 -20.02
CA ARG A 282 24.57 7.74 -20.38
C ARG A 282 24.86 9.14 -19.89
N LEU A 283 26.04 9.34 -19.30
CA LEU A 283 26.45 10.65 -18.80
C LEU A 283 27.59 11.17 -19.62
N TYR A 284 27.46 12.40 -20.12
CA TYR A 284 28.56 12.99 -20.83
C TYR A 284 29.01 14.14 -19.95
N VAL A 285 30.23 14.04 -19.43
CA VAL A 285 30.73 15.07 -18.56
C VAL A 285 31.64 16.02 -19.32
N SER A 286 31.39 17.32 -19.19
CA SER A 286 32.24 18.32 -19.85
C SER A 286 32.38 19.52 -18.91
N GLU A 287 33.12 20.56 -19.30
CA GLU A 287 33.33 21.69 -18.40
C GLU A 287 32.04 22.29 -17.82
N ASN A 288 31.91 22.18 -16.49
CA ASN A 288 30.75 22.66 -15.76
C ASN A 288 29.40 22.21 -16.33
N GLN A 289 29.38 21.04 -16.96
CA GLN A 289 28.13 20.55 -17.52
C GLN A 289 28.00 19.06 -17.51
N LEU A 290 26.78 18.58 -17.29
CA LEU A 290 26.52 17.15 -17.34
C LEU A 290 25.34 16.95 -18.28
N LYS A 291 25.46 16.03 -19.21
CA LYS A 291 24.37 15.71 -20.13
C LYS A 291 23.98 14.29 -19.78
N ILE A 292 22.69 14.04 -19.60
CA ILE A 292 22.24 12.70 -19.27
C ILE A 292 21.30 12.25 -20.38
N THR A 293 21.58 11.11 -21.00
CA THR A 293 20.74 10.64 -22.09
C THR A 293 20.28 9.19 -21.90
N ALA A 294 19.10 8.90 -22.42
CA ALA A 294 18.51 7.56 -22.38
C ALA A 294 17.86 7.23 -23.71
N ASN A 295 17.86 5.94 -24.05
CA ASN A 295 17.26 5.47 -25.29
C ASN A 295 16.67 4.11 -25.01
N ASN A 296 15.69 3.73 -25.83
CA ASN A 296 15.06 2.43 -25.68
C ASN A 296 14.86 1.78 -27.07
N PRO A 297 14.37 0.53 -27.09
CA PRO A 297 14.17 -0.16 -28.37
C PRO A 297 13.18 0.50 -29.33
N GLU A 298 12.30 1.34 -28.79
CA GLU A 298 11.30 2.05 -29.58
C GLU A 298 11.92 3.26 -30.25
N GLN A 299 13.22 3.46 -30.02
CA GLN A 299 13.98 4.56 -30.58
C GLN A 299 13.60 5.87 -29.92
N GLU A 300 12.92 5.80 -28.78
CA GLU A 300 12.57 7.02 -28.06
C GLU A 300 13.83 7.48 -27.36
N GLU A 301 13.92 8.78 -27.04
CA GLU A 301 15.14 9.29 -26.43
C GLU A 301 14.86 10.44 -25.49
N ALA A 302 15.64 10.49 -24.42
CA ALA A 302 15.54 11.58 -23.43
C ALA A 302 16.90 12.25 -23.26
N GLU A 303 16.91 13.57 -23.07
CA GLU A 303 18.16 14.26 -22.81
C GLU A 303 17.95 15.30 -21.71
N GLU A 304 18.85 15.34 -20.74
CA GLU A 304 18.77 16.33 -19.67
C GLU A 304 20.13 17.04 -19.61
N ILE A 305 20.14 18.38 -19.56
CA ILE A 305 21.41 19.06 -19.43
C ILE A 305 21.36 19.76 -18.06
N LEU A 306 22.44 19.62 -17.30
CA LEU A 306 22.54 20.22 -15.96
C LEU A 306 23.81 21.03 -15.81
N ASP A 307 23.75 22.16 -15.08
CA ASP A 307 24.98 22.89 -14.81
C ASP A 307 25.56 22.18 -13.59
N VAL A 308 26.85 21.95 -13.60
CA VAL A 308 27.51 21.29 -12.46
C VAL A 308 28.87 21.95 -12.34
N THR A 309 29.65 21.54 -11.34
CA THR A 309 31.00 22.08 -11.20
C THR A 309 31.96 20.97 -11.58
N TYR A 310 32.66 21.17 -12.70
CA TYR A 310 33.61 20.20 -13.21
C TYR A 310 34.64 20.84 -14.13
N SER A 311 35.91 20.53 -13.90
CA SER A 311 36.98 21.09 -14.72
C SER A 311 37.94 20.06 -15.35
N GLY A 312 37.63 18.78 -15.22
CA GLY A 312 38.52 17.79 -15.81
C GLY A 312 38.33 17.50 -17.30
N ALA A 313 38.94 16.42 -17.78
CA ALA A 313 38.80 16.01 -19.17
C ALA A 313 37.38 15.49 -19.41
N GLU A 314 36.93 15.52 -20.66
CA GLU A 314 35.59 15.04 -20.96
C GLU A 314 35.58 13.52 -20.98
N MET A 315 34.42 12.96 -20.68
CA MET A 315 34.26 11.51 -20.72
C MET A 315 32.79 11.15 -20.76
N GLU A 316 32.50 9.97 -21.27
CA GLU A 316 31.15 9.47 -21.37
C GLU A 316 31.14 8.17 -20.58
N ILE A 317 30.15 8.02 -19.72
CA ILE A 317 30.05 6.83 -18.87
C ILE A 317 28.59 6.53 -18.58
N GLY A 318 28.25 5.25 -18.58
CA GLY A 318 26.87 4.86 -18.30
C GLY A 318 26.67 4.31 -16.90
N PHE A 319 25.45 4.39 -16.41
CA PHE A 319 25.10 3.87 -15.10
C PHE A 319 23.70 3.34 -15.06
N ASN A 320 23.52 2.37 -14.17
CA ASN A 320 22.24 1.78 -13.91
C ASN A 320 21.49 2.86 -13.14
N VAL A 321 20.28 3.18 -13.59
CA VAL A 321 19.47 4.21 -12.92
C VAL A 321 19.15 3.95 -11.46
N SER A 322 18.67 2.76 -11.15
CA SER A 322 18.29 2.47 -9.78
C SER A 322 19.48 2.58 -8.83
N TYR A 323 20.67 2.18 -9.29
CA TYR A 323 21.82 2.27 -8.39
C TYR A 323 22.14 3.71 -8.01
N VAL A 324 22.07 4.61 -8.98
CA VAL A 324 22.36 6.01 -8.70
C VAL A 324 21.23 6.65 -7.91
N LEU A 325 19.99 6.38 -8.32
CA LEU A 325 18.87 6.96 -7.56
C LEU A 325 18.88 6.47 -6.11
N ASP A 326 19.22 5.20 -5.89
CA ASP A 326 19.28 4.68 -4.53
C ASP A 326 20.25 5.51 -3.70
N VAL A 327 21.42 5.81 -4.28
CA VAL A 327 22.44 6.59 -3.58
C VAL A 327 21.97 8.01 -3.29
N LEU A 328 21.36 8.66 -4.29
CA LEU A 328 20.91 10.04 -4.12
C LEU A 328 19.77 10.13 -3.10
N ASN A 329 18.99 9.06 -3.00
CA ASN A 329 17.89 9.00 -2.04
C ASN A 329 18.43 8.79 -0.63
N ALA A 330 19.56 8.09 -0.51
CA ALA A 330 20.17 7.84 0.79
C ALA A 330 20.97 9.04 1.29
N LEU A 331 21.50 9.84 0.36
CA LEU A 331 22.29 11.02 0.76
C LEU A 331 21.39 12.17 1.18
N LYS A 332 20.29 12.38 0.45
CA LYS A 332 19.32 13.45 0.75
C LYS A 332 19.97 14.69 1.37
N CYS A 333 21.01 15.19 0.71
CA CYS A 333 21.76 16.37 1.14
C CYS A 333 21.68 17.44 0.06
N GLU A 334 22.32 18.58 0.26
CA GLU A 334 22.23 19.66 -0.73
C GLU A 334 22.99 19.39 -2.03
N ASN A 335 24.28 19.04 -1.92
CA ASN A 335 25.12 18.79 -3.10
C ASN A 335 25.86 17.47 -2.94
N VAL A 336 26.09 16.81 -4.07
CA VAL A 336 26.83 15.57 -4.05
C VAL A 336 28.07 15.74 -4.91
N ARG A 337 29.08 14.92 -4.61
CA ARG A 337 30.30 14.92 -5.38
C ARG A 337 30.46 13.53 -5.99
N MET A 338 30.69 13.49 -7.30
N MET A 338 30.69 13.49 -7.30
CA MET A 338 30.94 12.23 -8.02
CA MET A 338 30.94 12.22 -8.02
C MET A 338 32.43 12.24 -8.32
C MET A 338 32.42 12.25 -8.36
N MET A 339 33.13 11.18 -7.97
CA MET A 339 34.57 11.09 -8.20
C MET A 339 34.78 10.01 -9.23
N LEU A 340 35.20 10.45 -10.42
CA LEU A 340 35.39 9.55 -11.56
C LEU A 340 36.86 9.34 -11.91
N THR A 341 37.12 8.25 -12.61
CA THR A 341 38.47 7.90 -13.03
C THR A 341 38.51 7.89 -14.56
N ASP A 342 37.69 7.02 -15.14
CA ASP A 342 37.58 6.91 -16.60
C ASP A 342 36.26 6.23 -16.97
N SER A 343 36.05 6.01 -18.26
CA SER A 343 34.80 5.45 -18.72
C SER A 343 34.52 4.01 -18.34
N VAL A 344 35.54 3.27 -17.94
CA VAL A 344 35.31 1.86 -17.63
C VAL A 344 35.55 1.50 -16.17
N SER A 345 35.65 2.50 -15.32
CA SER A 345 35.89 2.29 -13.90
C SER A 345 34.72 2.78 -13.06
N SER A 346 34.58 2.21 -11.86
CA SER A 346 33.47 2.61 -10.99
C SER A 346 33.63 4.04 -10.51
N VAL A 347 32.53 4.63 -10.07
CA VAL A 347 32.50 5.99 -9.56
C VAL A 347 32.29 5.95 -8.05
N GLN A 348 32.82 6.93 -7.33
CA GLN A 348 32.57 7.04 -5.88
C GLN A 348 31.71 8.29 -5.71
N ILE A 349 30.61 8.17 -4.95
CA ILE A 349 29.70 9.29 -4.73
C ILE A 349 29.61 9.57 -3.24
N GLU A 350 29.62 10.85 -2.87
CA GLU A 350 29.51 11.28 -1.47
C GLU A 350 28.77 12.61 -1.39
N ASP A 351 28.35 12.92 -0.18
CA ASP A 351 27.78 14.22 0.12
C ASP A 351 28.93 15.18 -0.07
N ALA A 352 28.75 16.29 -0.82
CA ALA A 352 29.90 17.16 -1.04
C ALA A 352 30.36 17.77 0.28
N ALA A 353 29.49 17.77 1.28
CA ALA A 353 29.81 18.35 2.59
C ALA A 353 30.14 17.37 3.71
N SER A 354 30.26 16.08 3.40
CA SER A 354 30.55 15.10 4.44
C SER A 354 31.16 13.85 3.86
N GLN A 355 32.23 13.36 4.49
CA GLN A 355 32.90 12.15 4.04
C GLN A 355 32.46 10.96 4.90
N SER A 356 31.42 11.14 5.70
CA SER A 356 30.94 10.05 6.57
C SER A 356 30.44 8.83 5.80
N ALA A 357 29.85 9.04 4.64
CA ALA A 357 29.37 7.91 3.85
C ALA A 357 29.96 7.99 2.44
N ALA A 358 30.19 6.82 1.85
CA ALA A 358 30.71 6.77 0.47
C ALA A 358 30.00 5.65 -0.27
N TYR A 359 29.76 5.86 -1.55
CA TYR A 359 29.06 4.87 -2.36
C TYR A 359 29.88 4.58 -3.60
N VAL A 360 29.97 3.30 -3.98
CA VAL A 360 30.73 2.94 -5.17
C VAL A 360 29.79 2.24 -6.12
N VAL A 361 29.74 2.69 -7.37
CA VAL A 361 28.83 2.11 -8.33
C VAL A 361 29.58 1.78 -9.59
N MET A 362 29.47 0.54 -10.06
CA MET A 362 30.16 0.19 -11.29
C MET A 362 29.45 0.84 -12.47
N PRO A 363 30.18 1.02 -13.56
CA PRO A 363 29.56 1.63 -14.75
C PRO A 363 28.72 0.58 -15.47
N MET A 364 27.75 1.04 -16.27
CA MET A 364 26.89 0.16 -17.07
C MET A 364 27.12 0.44 -18.56
N ARG A 365 27.33 -0.60 -19.36
CA ARG A 365 27.56 -0.41 -20.78
C ARG A 365 26.23 -0.26 -21.50
N LEU A 366 26.13 0.75 -22.37
CA LEU A 366 24.89 0.99 -23.10
C LEU A 366 25.13 1.16 -24.61
N MET B 1 0.79 19.84 -35.37
CA MET B 1 0.24 19.98 -33.99
C MET B 1 1.29 20.53 -33.07
N LYS B 2 0.94 21.60 -32.35
CA LYS B 2 1.88 22.25 -31.44
C LYS B 2 1.15 22.93 -30.30
N PHE B 3 1.69 22.79 -29.10
CA PHE B 3 1.12 23.48 -27.95
C PHE B 3 2.15 23.64 -26.84
N THR B 4 1.97 24.65 -26.02
CA THR B 4 2.84 24.85 -24.87
C THR B 4 1.88 25.09 -23.70
N VAL B 5 2.01 24.28 -22.65
CA VAL B 5 1.11 24.38 -21.51
C VAL B 5 1.87 24.27 -20.19
N GLU B 6 1.40 24.95 -19.17
CA GLU B 6 2.01 24.88 -17.86
C GLU B 6 1.78 23.45 -17.32
N ARG B 7 2.79 22.91 -16.67
CA ARG B 7 2.72 21.56 -16.12
C ARG B 7 1.43 21.22 -15.37
N GLU B 8 1.04 22.04 -14.41
CA GLU B 8 -0.16 21.72 -13.63
C GLU B 8 -1.49 21.79 -14.38
N HIS B 9 -1.53 22.57 -15.45
CA HIS B 9 -2.74 22.71 -16.25
C HIS B 9 -2.91 21.41 -17.07
N LEU B 10 -1.80 20.69 -17.22
CA LEU B 10 -1.78 19.45 -17.97
C LEU B 10 -1.81 18.13 -17.16
N LEU B 11 -1.20 18.15 -15.97
CA LEU B 11 -1.08 16.96 -15.14
C LEU B 11 -2.32 16.18 -14.71
N LYS B 12 -3.29 16.84 -14.08
CA LYS B 12 -4.49 16.14 -13.66
C LYS B 12 -5.23 15.56 -14.87
N PRO B 13 -5.39 16.34 -15.95
CA PRO B 13 -6.08 15.75 -17.11
C PRO B 13 -5.42 14.47 -17.59
N LEU B 14 -4.08 14.46 -17.67
CA LEU B 14 -3.36 13.27 -18.10
C LEU B 14 -3.64 12.09 -17.18
N GLN B 15 -3.64 12.37 -15.88
CA GLN B 15 -3.88 11.35 -14.89
C GLN B 15 -5.26 10.76 -15.05
N GLN B 16 -6.24 11.63 -15.23
CA GLN B 16 -7.61 11.18 -15.41
C GLN B 16 -7.88 10.40 -16.69
N VAL B 17 -7.36 10.86 -17.83
CA VAL B 17 -7.67 10.11 -19.04
C VAL B 17 -6.96 8.77 -19.14
N SER B 18 -5.95 8.58 -18.32
CA SER B 18 -5.21 7.33 -18.31
C SER B 18 -5.89 6.22 -17.51
N GLY B 19 -6.92 6.60 -16.74
CA GLY B 19 -7.64 5.65 -15.92
C GLY B 19 -8.02 4.31 -16.53
N PRO B 20 -8.78 4.29 -17.65
CA PRO B 20 -9.19 3.04 -18.29
C PRO B 20 -8.09 2.15 -18.89
N LEU B 21 -6.85 2.63 -18.92
CA LEU B 21 -5.76 1.84 -19.48
C LEU B 21 -5.17 0.85 -18.48
N GLY B 22 -4.75 -0.31 -18.99
CA GLY B 22 -4.16 -1.33 -18.13
C GLY B 22 -2.64 -1.27 -18.10
N GLY B 23 -2.06 -2.02 -17.17
CA GLY B 23 -0.61 -2.05 -17.05
C GLY B 23 0.05 -2.63 -18.30
N ARG B 24 -0.68 -3.51 -18.99
CA ARG B 24 -0.15 -4.11 -20.20
C ARG B 24 -1.19 -4.11 -21.31
N PRO B 25 -1.15 -3.10 -22.19
CA PRO B 25 -2.11 -3.03 -23.29
C PRO B 25 -2.02 -4.22 -24.23
N THR B 26 -3.18 -4.72 -24.61
CA THR B 26 -3.27 -5.85 -25.51
C THR B 26 -2.55 -5.56 -26.83
N LEU B 27 -2.76 -4.36 -27.35
CA LEU B 27 -2.10 -3.93 -28.57
C LEU B 27 -1.55 -2.54 -28.29
N PRO B 28 -0.46 -2.17 -28.98
CA PRO B 28 0.17 -0.86 -28.79
C PRO B 28 -0.72 0.38 -28.68
N ILE B 29 -1.66 0.55 -29.62
CA ILE B 29 -2.53 1.73 -29.61
C ILE B 29 -3.31 1.91 -28.31
N LEU B 30 -3.66 0.80 -27.65
CA LEU B 30 -4.44 0.90 -26.41
C LEU B 30 -3.64 1.41 -25.22
N GLY B 31 -2.33 1.55 -25.40
CA GLY B 31 -1.47 2.08 -24.36
C GLY B 31 -1.17 3.55 -24.64
N ASN B 32 -1.81 4.09 -25.65
CA ASN B 32 -1.58 5.48 -26.03
C ASN B 32 -2.77 6.36 -25.70
N LEU B 33 -2.50 7.66 -25.66
CA LEU B 33 -3.54 8.64 -25.46
C LEU B 33 -3.63 9.41 -26.78
N LEU B 34 -4.85 9.77 -27.14
CA LEU B 34 -5.09 10.57 -28.33
C LEU B 34 -5.00 12.05 -27.92
N LEU B 35 -4.15 12.82 -28.62
CA LEU B 35 -3.99 14.27 -28.38
C LEU B 35 -4.51 15.00 -29.60
N GLN B 36 -5.41 15.95 -29.38
CA GLN B 36 -5.97 16.71 -30.49
C GLN B 36 -5.99 18.19 -30.15
N VAL B 37 -5.43 19.02 -31.04
CA VAL B 37 -5.47 20.46 -30.82
C VAL B 37 -6.42 21.00 -31.89
N ALA B 38 -7.46 21.69 -31.44
CA ALA B 38 -8.43 22.27 -32.37
C ALA B 38 -9.18 23.40 -31.66
N ASP B 39 -9.47 24.49 -32.37
CA ASP B 39 -10.20 25.61 -31.77
C ASP B 39 -9.70 26.06 -30.39
N GLY B 40 -8.39 26.24 -30.21
CA GLY B 40 -7.90 26.69 -28.90
C GLY B 40 -8.01 25.73 -27.72
N THR B 41 -8.27 24.47 -28.03
CA THR B 41 -8.42 23.44 -27.00
C THR B 41 -7.58 22.20 -27.30
N LEU B 42 -6.93 21.69 -26.27
CA LEU B 42 -6.20 20.43 -26.43
C LEU B 42 -7.13 19.39 -25.81
N SER B 43 -7.45 18.33 -26.55
CA SER B 43 -8.30 17.26 -26.02
C SER B 43 -7.40 16.04 -25.86
N LEU B 44 -7.58 15.33 -24.73
CA LEU B 44 -6.83 14.11 -24.44
C LEU B 44 -7.86 13.01 -24.24
N THR B 45 -7.62 11.85 -24.85
CA THR B 45 -8.57 10.74 -24.73
C THR B 45 -7.86 9.42 -24.46
N GLY B 46 -8.37 8.64 -23.51
CA GLY B 46 -7.84 7.32 -23.18
C GLY B 46 -8.97 6.31 -23.33
N THR B 47 -8.69 5.09 -23.81
CA THR B 47 -9.76 4.11 -23.97
C THR B 47 -9.26 2.67 -23.77
N ASP B 48 -10.21 1.77 -23.50
CA ASP B 48 -9.87 0.33 -23.38
C ASP B 48 -10.81 -0.47 -24.29
N LEU B 49 -11.50 0.26 -25.18
CA LEU B 49 -12.47 -0.23 -26.17
C LEU B 49 -13.86 -0.42 -25.57
N GLU B 50 -13.95 -0.44 -24.25
CA GLU B 50 -15.28 -0.57 -23.63
C GLU B 50 -15.72 0.80 -23.12
N MET B 51 -14.75 1.62 -22.74
CA MET B 51 -15.06 2.96 -22.25
C MET B 51 -13.96 3.92 -22.63
N GLU B 52 -14.26 5.22 -22.56
CA GLU B 52 -13.23 6.19 -22.87
C GLU B 52 -13.38 7.38 -21.97
N MET B 53 -12.28 8.06 -21.70
CA MET B 53 -12.30 9.22 -20.84
C MET B 53 -11.66 10.34 -21.65
N VAL B 54 -12.33 11.49 -21.72
CA VAL B 54 -11.82 12.63 -22.50
C VAL B 54 -11.68 13.85 -21.61
N ALA B 55 -10.58 14.59 -21.77
CA ALA B 55 -10.35 15.82 -21.00
C ALA B 55 -10.15 16.95 -22.00
N ARG B 56 -10.72 18.12 -21.72
CA ARG B 56 -10.56 19.29 -22.58
C ARG B 56 -9.68 20.26 -21.80
N VAL B 57 -8.59 20.70 -22.42
CA VAL B 57 -7.67 21.61 -21.76
C VAL B 57 -7.57 22.93 -22.56
N ALA B 58 -7.92 24.05 -21.93
CA ALA B 58 -7.83 25.33 -22.62
C ALA B 58 -6.36 25.73 -22.85
N LEU B 59 -6.07 26.25 -24.04
CA LEU B 59 -4.70 26.66 -24.39
C LEU B 59 -4.67 28.19 -24.48
N VAL B 60 -3.94 28.82 -23.55
CA VAL B 60 -3.77 30.29 -23.49
C VAL B 60 -2.46 30.75 -24.12
N GLN B 61 -1.60 29.78 -24.50
CA GLN B 61 -0.33 30.10 -25.15
C GLN B 61 -0.46 29.72 -26.62
N PRO B 62 0.43 30.25 -27.50
CA PRO B 62 0.40 29.95 -28.94
C PRO B 62 0.32 28.44 -29.25
N HIS B 63 -0.50 28.07 -30.23
CA HIS B 63 -0.68 26.67 -30.60
C HIS B 63 -1.01 26.48 -32.08
N GLU B 64 -0.89 25.24 -32.55
CA GLU B 64 -1.18 24.87 -33.96
C GLU B 64 -2.01 23.59 -33.95
N PRO B 65 -3.09 23.52 -34.78
CA PRO B 65 -3.94 22.33 -34.84
C PRO B 65 -3.31 21.04 -35.36
N GLY B 66 -3.87 19.91 -34.93
CA GLY B 66 -3.38 18.62 -35.34
C GLY B 66 -3.60 17.54 -34.31
N ALA B 67 -3.31 16.29 -34.69
CA ALA B 67 -3.54 15.17 -33.77
C ALA B 67 -2.54 14.05 -33.89
N THR B 68 -2.34 13.34 -32.80
CA THR B 68 -1.44 12.19 -32.81
C THR B 68 -1.74 11.37 -31.56
N THR B 69 -1.10 10.21 -31.41
CA THR B 69 -1.26 9.41 -30.18
C THR B 69 0.14 9.10 -29.70
N VAL B 70 0.34 9.10 -28.38
CA VAL B 70 1.64 8.81 -27.78
C VAL B 70 1.46 7.95 -26.54
N PRO B 71 2.51 7.25 -26.10
CA PRO B 71 2.41 6.40 -24.90
C PRO B 71 1.92 7.15 -23.67
N ALA B 72 0.81 6.69 -23.12
CA ALA B 72 0.21 7.39 -21.98
C ALA B 72 1.05 7.45 -20.74
N ARG B 73 1.53 6.29 -20.28
CA ARG B 73 2.32 6.24 -19.06
C ARG B 73 3.58 7.09 -19.19
N LYS B 74 4.26 6.95 -20.31
CA LYS B 74 5.50 7.70 -20.54
C LYS B 74 5.26 9.19 -20.54
N PHE B 75 4.23 9.63 -21.25
CA PHE B 75 3.95 11.07 -21.33
C PHE B 75 3.55 11.59 -19.96
N PHE B 76 2.67 10.88 -19.26
CA PHE B 76 2.32 11.32 -17.90
C PHE B 76 3.54 11.37 -16.98
N ASP B 77 4.35 10.32 -16.98
CA ASP B 77 5.54 10.32 -16.13
C ASP B 77 6.50 11.47 -16.43
N ILE B 78 6.63 11.82 -17.71
CA ILE B 78 7.50 12.93 -18.10
C ILE B 78 6.96 14.23 -17.51
N CYS B 79 5.67 14.46 -17.72
CA CYS B 79 5.09 15.73 -17.21
C CYS B 79 5.15 15.79 -15.70
N ARG B 80 4.81 14.68 -15.06
CA ARG B 80 4.84 14.65 -13.59
C ARG B 80 6.24 14.85 -13.05
N GLY B 81 7.24 14.38 -13.80
CA GLY B 81 8.60 14.49 -13.33
C GLY B 81 9.28 15.82 -13.49
N LEU B 82 8.69 16.69 -14.32
CA LEU B 82 9.25 18.01 -14.53
C LEU B 82 8.97 18.85 -13.29
N PRO B 83 9.76 19.91 -13.09
CA PRO B 83 9.60 20.79 -11.92
C PRO B 83 8.27 21.52 -11.88
N GLU B 84 7.83 21.83 -10.67
CA GLU B 84 6.56 22.53 -10.50
C GLU B 84 6.61 23.84 -11.28
N GLY B 85 5.53 24.13 -12.02
CA GLY B 85 5.46 25.37 -12.78
C GLY B 85 6.10 25.34 -14.15
N ALA B 86 6.73 24.20 -14.49
CA ALA B 86 7.40 24.06 -15.79
C ALA B 86 6.48 24.29 -16.97
N GLU B 87 7.02 24.93 -18.01
CA GLU B 87 6.29 25.15 -19.24
C GLU B 87 6.64 23.95 -20.11
N ILE B 88 5.63 23.25 -20.62
CA ILE B 88 5.85 22.05 -21.44
C ILE B 88 5.48 22.32 -22.89
N ALA B 89 6.50 22.36 -23.75
CA ALA B 89 6.30 22.64 -25.17
C ALA B 89 6.27 21.31 -25.91
N VAL B 90 5.25 21.14 -26.73
CA VAL B 90 5.05 19.90 -27.46
C VAL B 90 4.84 20.13 -28.94
N GLN B 91 5.52 19.34 -29.77
CA GLN B 91 5.34 19.45 -31.20
C GLN B 91 5.45 18.11 -31.89
N LEU B 92 4.50 17.86 -32.78
CA LEU B 92 4.45 16.63 -33.56
C LEU B 92 5.47 16.79 -34.69
N GLU B 93 6.34 15.79 -34.82
CA GLU B 93 7.36 15.77 -35.86
C GLU B 93 7.34 14.40 -36.54
N GLY B 94 6.23 14.09 -37.20
CA GLY B 94 6.09 12.83 -37.90
C GLY B 94 6.06 11.57 -37.06
N GLU B 95 7.13 10.78 -37.15
CA GLU B 95 7.21 9.54 -36.40
C GLU B 95 7.38 9.79 -34.89
N ARG B 96 7.73 11.02 -34.51
CA ARG B 96 7.92 11.30 -33.09
C ARG B 96 7.25 12.57 -32.65
N MET B 97 7.01 12.65 -31.35
CA MET B 97 6.44 13.86 -30.75
C MET B 97 7.53 14.34 -29.82
N LEU B 98 7.95 15.61 -30.00
CA LEU B 98 9.02 16.19 -29.22
C LEU B 98 8.45 17.00 -28.07
N VAL B 99 8.90 16.70 -26.86
CA VAL B 99 8.47 17.41 -25.65
C VAL B 99 9.69 18.13 -25.07
N ARG B 100 9.58 19.46 -24.87
CA ARG B 100 10.71 20.20 -24.34
C ARG B 100 10.27 21.04 -23.16
N SER B 101 11.13 21.10 -22.16
CA SER B 101 10.87 21.94 -20.98
C SER B 101 12.22 22.27 -20.39
N GLY B 102 12.52 23.56 -20.23
CA GLY B 102 13.84 23.91 -19.71
C GLY B 102 14.88 23.30 -20.64
N ARG B 103 15.85 22.57 -20.08
CA ARG B 103 16.86 21.90 -20.89
C ARG B 103 16.63 20.39 -20.81
N SER B 104 15.35 20.03 -20.74
CA SER B 104 14.92 18.63 -20.74
C SER B 104 14.24 18.40 -22.10
N ARG B 105 14.59 17.29 -22.75
CA ARG B 105 14.02 16.98 -24.05
C ARG B 105 13.60 15.53 -24.10
N PHE B 106 12.45 15.27 -24.70
CA PHE B 106 11.97 13.88 -24.82
C PHE B 106 11.37 13.64 -26.19
N SER B 107 11.72 12.50 -26.80
CA SER B 107 11.17 12.16 -28.11
C SER B 107 10.36 10.88 -27.93
N LEU B 108 9.05 10.99 -28.11
CA LEU B 108 8.15 9.85 -27.96
C LEU B 108 7.69 9.31 -29.30
N SER B 109 7.53 7.99 -29.40
CA SER B 109 7.06 7.39 -30.64
C SER B 109 5.56 7.62 -30.73
N THR B 110 5.08 7.83 -31.95
CA THR B 110 3.67 8.07 -32.18
C THR B 110 3.01 6.98 -33.01
N LEU B 111 1.68 6.93 -32.91
CA LEU B 111 0.86 6.07 -33.75
C LEU B 111 -0.22 7.05 -34.25
N PRO B 112 -0.64 6.90 -35.51
CA PRO B 112 -1.65 7.75 -36.14
C PRO B 112 -2.94 7.96 -35.40
N ALA B 113 -3.37 9.22 -35.33
CA ALA B 113 -4.64 9.56 -34.68
C ALA B 113 -5.76 8.85 -35.44
N ALA B 114 -5.59 8.63 -36.75
CA ALA B 114 -6.61 7.96 -37.56
C ALA B 114 -6.85 6.52 -37.11
N ASP B 115 -5.87 5.94 -36.44
CA ASP B 115 -5.97 4.55 -35.95
C ASP B 115 -6.48 4.41 -34.52
N PHE B 116 -6.72 5.54 -33.84
CA PHE B 116 -7.19 5.47 -32.45
C PHE B 116 -8.65 5.01 -32.39
N PRO B 117 -8.97 4.01 -31.55
CA PRO B 117 -10.32 3.45 -31.38
C PRO B 117 -11.27 4.56 -30.99
N ASN B 118 -12.48 4.53 -31.52
CA ASN B 118 -13.47 5.56 -31.25
C ASN B 118 -14.80 4.88 -30.98
N LEU B 119 -15.44 5.18 -29.86
CA LEU B 119 -16.73 4.56 -29.59
C LEU B 119 -17.74 5.07 -30.61
N ASP B 120 -18.60 4.16 -31.06
CA ASP B 120 -19.62 4.47 -32.04
C ASP B 120 -20.53 5.59 -31.55
N ASP B 121 -21.12 6.31 -32.49
CA ASP B 121 -22.01 7.40 -32.17
C ASP B 121 -23.25 6.76 -31.56
N TRP B 122 -23.92 7.48 -30.68
CA TRP B 122 -25.12 6.96 -30.06
C TRP B 122 -26.00 8.12 -29.64
N GLN B 123 -27.23 7.83 -29.27
CA GLN B 123 -28.18 8.87 -28.88
C GLN B 123 -28.63 8.73 -27.43
N SER B 124 -28.65 9.83 -26.67
CA SER B 124 -29.11 9.74 -25.29
C SER B 124 -30.63 9.76 -25.24
N GLU B 125 -31.18 8.92 -24.37
CA GLU B 125 -32.62 8.79 -24.18
C GLU B 125 -33.11 9.34 -22.84
N VAL B 126 -32.20 9.54 -21.90
CA VAL B 126 -32.55 10.10 -20.60
C VAL B 126 -31.37 10.94 -20.16
N GLU B 127 -31.65 12.10 -19.57
CA GLU B 127 -30.62 12.99 -19.14
C GLU B 127 -31.03 13.66 -17.84
N PHE B 128 -30.07 13.85 -16.97
CA PHE B 128 -30.32 14.51 -15.70
C PHE B 128 -29.01 14.98 -15.08
N THR B 129 -29.14 15.91 -14.15
CA THR B 129 -27.98 16.42 -13.46
C THR B 129 -28.13 16.10 -11.98
N LEU B 130 -27.02 15.87 -11.29
CA LEU B 130 -27.07 15.58 -9.86
C LEU B 130 -25.76 15.99 -9.20
N PRO B 131 -25.78 16.25 -7.89
CA PRO B 131 -24.56 16.63 -7.18
C PRO B 131 -23.55 15.49 -7.23
N GLN B 132 -22.26 15.83 -7.33
CA GLN B 132 -21.25 14.78 -7.35
C GLN B 132 -21.33 13.94 -6.08
N ALA B 133 -21.63 14.58 -4.95
CA ALA B 133 -21.71 13.87 -3.68
C ALA B 133 -22.76 12.76 -3.68
N THR B 134 -23.84 12.97 -4.42
CA THR B 134 -24.91 11.99 -4.51
C THR B 134 -24.44 10.79 -5.30
N MET B 135 -23.73 11.05 -6.39
CA MET B 135 -23.23 9.94 -7.18
C MET B 135 -22.23 9.16 -6.34
N LYS B 136 -21.36 9.84 -5.60
CA LYS B 136 -20.39 9.14 -4.77
C LYS B 136 -21.10 8.26 -3.75
N ARG B 137 -22.11 8.82 -3.08
CA ARG B 137 -22.84 8.06 -2.08
C ARG B 137 -23.46 6.82 -2.70
N LEU B 138 -24.15 6.99 -3.82
CA LEU B 138 -24.79 5.86 -4.50
C LEU B 138 -23.85 4.73 -4.86
N ILE B 139 -22.66 5.08 -5.34
CA ILE B 139 -21.70 4.04 -5.72
C ILE B 139 -21.03 3.41 -4.52
N GLU B 140 -20.55 4.22 -3.58
CA GLU B 140 -19.89 3.67 -2.42
C GLU B 140 -20.83 2.79 -1.57
N ALA B 141 -22.12 3.09 -1.61
CA ALA B 141 -23.06 2.33 -0.80
C ALA B 141 -23.27 0.89 -1.30
N THR B 142 -22.93 0.63 -2.56
CA THR B 142 -23.22 -0.69 -3.12
C THR B 142 -22.08 -1.39 -3.84
N GLN B 143 -21.04 -0.66 -4.22
CA GLN B 143 -19.96 -1.26 -5.01
C GLN B 143 -19.36 -2.55 -4.46
N PHE B 144 -19.20 -2.63 -3.14
CA PHE B 144 -18.60 -3.81 -2.56
C PHE B 144 -19.39 -5.09 -2.78
N SER B 145 -20.67 -4.97 -3.12
CA SER B 145 -21.50 -6.16 -3.31
C SER B 145 -21.50 -6.71 -4.73
N MET B 146 -20.73 -6.08 -5.62
CA MET B 146 -20.66 -6.56 -7.01
C MET B 146 -19.89 -7.87 -7.05
N ALA B 147 -20.24 -8.75 -7.98
CA ALA B 147 -19.53 -10.02 -8.11
C ALA B 147 -18.14 -9.78 -8.67
N HIS B 148 -17.25 -10.74 -8.45
CA HIS B 148 -15.88 -10.67 -8.96
C HIS B 148 -15.65 -11.79 -9.96
N GLN B 149 -15.72 -11.46 -11.25
CA GLN B 149 -15.52 -12.45 -12.30
C GLN B 149 -16.48 -13.64 -12.19
N ASP B 150 -17.78 -13.33 -12.05
CA ASP B 150 -18.82 -14.35 -11.95
C ASP B 150 -19.19 -14.77 -13.37
N VAL B 151 -19.74 -15.98 -13.51
CA VAL B 151 -20.15 -16.49 -14.81
C VAL B 151 -21.27 -15.63 -15.35
N ARG B 152 -22.19 -15.28 -14.45
CA ARG B 152 -23.28 -14.40 -14.82
C ARG B 152 -22.58 -13.05 -14.93
N TYR B 153 -21.86 -12.84 -16.03
CA TYR B 153 -21.09 -11.63 -16.26
C TYR B 153 -21.82 -10.35 -15.88
N TYR B 154 -23.14 -10.36 -15.94
CA TYR B 154 -23.92 -9.19 -15.58
C TYR B 154 -23.79 -8.84 -14.10
N LEU B 155 -23.54 -9.84 -13.26
CA LEU B 155 -23.38 -9.58 -11.83
C LEU B 155 -22.05 -8.87 -11.51
N ASN B 156 -21.13 -8.87 -12.47
CA ASN B 156 -19.84 -8.22 -12.29
C ASN B 156 -19.91 -6.70 -12.45
N GLY B 157 -21.09 -6.20 -12.81
CA GLY B 157 -21.28 -4.77 -12.97
C GLY B 157 -22.23 -4.21 -11.92
N MET B 158 -22.70 -2.98 -12.13
CA MET B 158 -23.62 -2.35 -11.19
C MET B 158 -24.85 -1.84 -11.91
N LEU B 159 -26.02 -2.12 -11.37
CA LEU B 159 -27.24 -1.64 -12.01
C LEU B 159 -27.51 -0.19 -11.61
N PHE B 160 -27.85 0.64 -12.60
CA PHE B 160 -28.20 2.04 -12.35
C PHE B 160 -29.65 2.19 -12.83
N GLU B 161 -30.53 2.69 -11.98
CA GLU B 161 -31.93 2.83 -12.32
C GLU B 161 -32.56 4.18 -11.95
N THR B 162 -33.37 4.72 -12.85
CA THR B 162 -34.06 5.97 -12.60
C THR B 162 -35.52 5.61 -12.33
N GLU B 163 -36.10 6.17 -11.26
CA GLU B 163 -37.49 5.88 -10.91
C GLU B 163 -38.11 7.07 -10.21
N GLY B 164 -39.17 7.61 -10.79
CA GLY B 164 -39.83 8.75 -10.20
C GLY B 164 -38.88 9.93 -10.18
N GLU B 165 -38.36 10.23 -9.00
CA GLU B 165 -37.45 11.35 -8.82
C GLU B 165 -36.14 10.84 -8.21
N GLU B 166 -35.93 9.52 -8.24
CA GLU B 166 -34.71 8.97 -7.66
C GLU B 166 -33.80 8.23 -8.63
N LEU B 167 -32.53 8.22 -8.29
CA LEU B 167 -31.51 7.44 -9.03
C LEU B 167 -31.17 6.37 -8.01
N ARG B 168 -31.02 5.13 -8.45
CA ARG B 168 -30.72 4.04 -7.55
C ARG B 168 -29.65 3.12 -8.12
N THR B 169 -28.82 2.54 -7.25
CA THR B 169 -27.83 1.58 -7.71
C THR B 169 -28.11 0.29 -6.97
N VAL B 170 -27.79 -0.81 -7.64
CA VAL B 170 -27.96 -2.15 -7.09
C VAL B 170 -26.76 -3.02 -7.47
N ALA B 171 -26.25 -3.80 -6.52
CA ALA B 171 -25.14 -4.70 -6.78
C ALA B 171 -25.41 -5.95 -6.00
N THR B 172 -25.06 -7.09 -6.58
CA THR B 172 -25.24 -8.35 -5.91
C THR B 172 -24.32 -9.40 -6.52
N ASP B 173 -23.94 -10.37 -5.68
CA ASP B 173 -23.06 -11.42 -6.15
C ASP B 173 -23.71 -12.78 -5.90
N GLY B 174 -25.00 -12.75 -5.56
CA GLY B 174 -25.72 -14.00 -5.28
C GLY B 174 -25.78 -14.36 -3.81
N HIS B 175 -24.85 -13.83 -3.01
CA HIS B 175 -24.82 -14.11 -1.57
C HIS B 175 -25.34 -12.93 -0.77
N ARG B 176 -25.05 -11.72 -1.26
CA ARG B 176 -25.52 -10.55 -0.59
C ARG B 176 -25.87 -9.57 -1.69
N LEU B 177 -26.71 -8.62 -1.35
CA LEU B 177 -27.15 -7.58 -2.26
C LEU B 177 -27.13 -6.25 -1.54
N ALA B 178 -26.89 -5.19 -2.30
CA ALA B 178 -26.89 -3.84 -1.78
C ALA B 178 -27.71 -3.00 -2.75
N VAL B 179 -28.58 -2.14 -2.21
CA VAL B 179 -29.40 -1.24 -3.02
C VAL B 179 -29.42 0.13 -2.32
N CYS B 180 -29.29 1.20 -3.10
CA CYS B 180 -29.30 2.53 -2.52
C CYS B 180 -30.02 3.47 -3.48
N SER B 181 -30.90 4.29 -2.92
CA SER B 181 -31.70 5.24 -3.70
C SER B 181 -31.52 6.64 -3.18
N MET B 182 -31.45 7.60 -4.09
CA MET B 182 -31.27 9.00 -3.72
C MET B 182 -32.18 9.88 -4.58
N PRO B 183 -32.84 10.88 -3.98
CA PRO B 183 -33.72 11.78 -4.73
C PRO B 183 -32.88 12.72 -5.60
N ILE B 184 -33.37 13.02 -6.80
CA ILE B 184 -32.67 13.89 -7.75
C ILE B 184 -33.37 15.22 -8.03
N GLY B 185 -34.58 15.38 -7.55
CA GLY B 185 -35.30 16.63 -7.79
C GLY B 185 -35.95 16.68 -9.16
N GLN B 186 -35.53 15.79 -10.05
CA GLN B 186 -36.08 15.73 -11.41
C GLN B 186 -37.04 14.54 -11.55
N SER B 187 -37.94 14.64 -12.52
CA SER B 187 -38.86 13.55 -12.80
C SER B 187 -38.22 12.84 -13.98
N LEU B 188 -37.91 11.56 -13.82
CA LEU B 188 -37.27 10.81 -14.90
C LEU B 188 -38.04 9.61 -15.41
N PRO B 189 -37.76 9.21 -16.66
CA PRO B 189 -38.41 8.05 -17.27
C PRO B 189 -37.80 6.81 -16.62
N SER B 190 -38.66 5.93 -16.12
CA SER B 190 -38.17 4.71 -15.47
C SER B 190 -37.17 4.06 -16.43
N HIS B 191 -35.94 3.83 -15.96
CA HIS B 191 -34.89 3.27 -16.80
C HIS B 191 -33.92 2.35 -16.04
N SER B 192 -33.39 1.31 -16.69
CA SER B 192 -32.47 0.38 -16.03
C SER B 192 -31.32 -0.13 -16.88
N VAL B 193 -30.09 0.19 -16.46
CA VAL B 193 -28.91 -0.26 -17.19
C VAL B 193 -27.80 -0.79 -16.29
N ILE B 194 -26.98 -1.64 -16.86
CA ILE B 194 -25.84 -2.22 -16.14
C ILE B 194 -24.53 -1.58 -16.59
N VAL B 195 -23.84 -0.94 -15.65
CA VAL B 195 -22.57 -0.30 -15.92
C VAL B 195 -21.47 -1.31 -15.56
N PRO B 196 -20.49 -1.53 -16.45
CA PRO B 196 -19.37 -2.48 -16.24
C PRO B 196 -18.53 -2.09 -15.03
N ARG B 197 -17.86 -3.08 -14.47
CA ARG B 197 -16.98 -2.91 -13.32
C ARG B 197 -16.03 -1.74 -13.46
N LYS B 198 -15.27 -1.70 -14.56
CA LYS B 198 -14.31 -0.61 -14.74
C LYS B 198 -15.02 0.71 -14.90
N GLY B 199 -16.25 0.65 -15.39
CA GLY B 199 -17.02 1.86 -15.60
C GLY B 199 -17.37 2.51 -14.27
N VAL B 200 -17.74 1.67 -13.30
CA VAL B 200 -18.08 2.16 -11.99
C VAL B 200 -16.86 2.84 -11.36
N ILE B 201 -15.71 2.20 -11.52
CA ILE B 201 -14.46 2.75 -11.00
C ILE B 201 -14.15 4.11 -11.61
N GLU B 202 -14.32 4.25 -12.92
CA GLU B 202 -14.04 5.52 -13.58
C GLU B 202 -15.01 6.59 -13.12
N LEU B 203 -16.29 6.23 -12.97
CA LEU B 203 -17.28 7.19 -12.51
C LEU B 203 -16.86 7.75 -11.16
N MET B 204 -16.40 6.88 -10.27
CA MET B 204 -15.95 7.33 -8.95
C MET B 204 -14.72 8.24 -9.03
N ARG B 205 -13.78 7.88 -9.89
CA ARG B 205 -12.54 8.63 -10.07
C ARG B 205 -12.71 10.03 -10.60
N MET B 206 -13.79 10.28 -11.34
CA MET B 206 -13.95 11.60 -11.91
C MET B 206 -14.63 12.59 -10.98
N LEU B 207 -14.98 12.14 -9.79
CA LEU B 207 -15.60 13.03 -8.83
C LEU B 207 -14.49 13.75 -8.08
N ASP B 208 -14.41 15.07 -8.24
CA ASP B 208 -13.37 15.84 -7.58
C ASP B 208 -13.82 16.18 -6.17
N GLY B 209 -15.11 16.04 -5.93
CA GLY B 209 -15.63 16.37 -4.61
C GLY B 209 -15.72 17.88 -4.52
N GLY B 210 -16.03 18.51 -5.65
CA GLY B 210 -16.16 19.95 -5.70
C GLY B 210 -17.60 20.34 -5.99
N ASP B 211 -17.80 21.62 -6.29
CA ASP B 211 -19.13 22.14 -6.59
C ASP B 211 -19.61 21.87 -8.02
N ASN B 212 -18.72 21.38 -8.89
CA ASN B 212 -19.12 21.08 -10.26
C ASN B 212 -20.23 20.05 -10.23
N PRO B 213 -21.32 20.30 -10.97
CA PRO B 213 -22.43 19.34 -11.01
C PRO B 213 -22.11 18.20 -11.99
N LEU B 214 -22.75 17.06 -11.80
CA LEU B 214 -22.53 15.91 -12.67
C LEU B 214 -23.69 15.78 -13.65
N ARG B 215 -23.41 15.77 -14.95
CA ARG B 215 -24.46 15.63 -15.93
C ARG B 215 -24.39 14.25 -16.54
N VAL B 216 -25.49 13.53 -16.46
CA VAL B 216 -25.57 12.16 -16.95
C VAL B 216 -26.47 12.00 -18.15
N GLN B 217 -26.03 11.21 -19.13
CA GLN B 217 -26.82 10.92 -20.31
C GLN B 217 -26.78 9.40 -20.48
N ILE B 218 -27.95 8.80 -20.67
CA ILE B 218 -28.03 7.36 -20.84
C ILE B 218 -28.75 7.02 -22.14
N GLY B 219 -28.13 6.13 -22.91
CA GLY B 219 -28.70 5.67 -24.16
C GLY B 219 -29.06 4.20 -24.01
N SER B 220 -29.42 3.58 -25.11
CA SER B 220 -29.79 2.17 -25.08
C SER B 220 -28.59 1.29 -24.78
N ASN B 221 -27.38 1.74 -25.14
CA ASN B 221 -26.20 0.92 -24.92
C ASN B 221 -24.99 1.65 -24.39
N ASN B 222 -25.18 2.87 -23.88
CA ASN B 222 -24.07 3.67 -23.40
C ASN B 222 -24.50 4.57 -22.27
N ILE B 223 -23.54 4.97 -21.47
CA ILE B 223 -23.80 5.94 -20.42
C ILE B 223 -22.66 6.93 -20.53
N ARG B 224 -22.98 8.20 -20.34
CA ARG B 224 -21.98 9.26 -20.40
C ARG B 224 -22.14 10.15 -19.19
N ALA B 225 -21.01 10.58 -18.63
CA ALA B 225 -21.02 11.48 -17.49
C ALA B 225 -20.08 12.64 -17.75
N HIS B 226 -20.58 13.85 -17.50
CA HIS B 226 -19.78 15.06 -17.68
C HIS B 226 -19.56 15.74 -16.33
N VAL B 227 -18.32 16.04 -15.99
CA VAL B 227 -17.97 16.76 -14.76
C VAL B 227 -16.87 17.74 -15.14
N GLY B 228 -17.10 19.03 -14.94
CA GLY B 228 -16.06 19.98 -15.30
C GLY B 228 -15.68 19.81 -16.76
N ASP B 229 -14.38 19.68 -16.99
CA ASP B 229 -13.92 19.54 -18.36
C ASP B 229 -13.57 18.13 -18.75
N PHE B 230 -14.23 17.17 -18.09
CA PHE B 230 -14.03 15.74 -18.35
C PHE B 230 -15.32 15.10 -18.80
N ILE B 231 -15.22 14.17 -19.74
CA ILE B 231 -16.38 13.46 -20.23
C ILE B 231 -16.05 11.99 -20.27
N PHE B 232 -16.79 11.21 -19.49
CA PHE B 232 -16.58 9.78 -19.47
C PHE B 232 -17.72 9.08 -20.20
N THR B 233 -17.40 8.11 -21.07
CA THR B 233 -18.45 7.38 -21.78
C THR B 233 -18.16 5.90 -21.70
N SER B 234 -19.17 5.08 -21.41
CA SER B 234 -18.94 3.64 -21.36
C SER B 234 -20.05 2.87 -22.07
N LYS B 235 -19.70 1.73 -22.64
CA LYS B 235 -20.74 0.91 -23.21
C LYS B 235 -21.39 0.22 -21.98
N LEU B 236 -22.65 -0.15 -22.11
CA LEU B 236 -23.40 -0.80 -21.05
C LEU B 236 -23.28 -2.32 -21.23
N VAL B 237 -23.54 -3.05 -20.15
CA VAL B 237 -23.48 -4.51 -20.17
C VAL B 237 -24.87 -5.04 -20.48
N ASP B 238 -24.96 -6.01 -21.39
CA ASP B 238 -26.28 -6.58 -21.68
C ASP B 238 -26.54 -7.70 -20.70
N GLY B 239 -27.80 -8.04 -20.52
CA GLY B 239 -28.14 -9.12 -19.60
C GLY B 239 -29.32 -8.77 -18.73
N ARG B 240 -29.85 -9.76 -18.02
CA ARG B 240 -30.99 -9.52 -17.16
C ARG B 240 -30.55 -9.46 -15.70
N PHE B 241 -30.74 -8.31 -15.08
CA PHE B 241 -30.33 -8.10 -13.69
C PHE B 241 -31.50 -8.24 -12.71
N PRO B 242 -31.24 -8.88 -11.55
CA PRO B 242 -32.21 -9.11 -10.48
C PRO B 242 -33.00 -7.89 -9.99
N ASP B 243 -34.25 -8.13 -9.59
CA ASP B 243 -35.14 -7.09 -9.11
C ASP B 243 -35.02 -7.00 -7.59
N TYR B 244 -34.27 -6.02 -7.09
CA TYR B 244 -34.08 -5.88 -5.64
C TYR B 244 -35.39 -5.97 -4.83
N ARG B 245 -36.46 -5.41 -5.37
CA ARG B 245 -37.76 -5.40 -4.71
C ARG B 245 -38.21 -6.81 -4.32
N ARG B 246 -37.76 -7.80 -5.09
CA ARG B 246 -38.12 -9.19 -4.85
C ARG B 246 -37.13 -9.96 -3.98
N VAL B 247 -35.90 -9.47 -3.90
CA VAL B 247 -34.84 -10.08 -3.13
C VAL B 247 -34.94 -9.70 -1.66
N LEU B 248 -35.59 -8.58 -1.41
CA LEU B 248 -35.79 -8.09 -0.04
C LEU B 248 -36.67 -9.07 0.73
N PRO B 249 -36.25 -9.45 1.94
CA PRO B 249 -37.03 -10.39 2.77
C PRO B 249 -38.51 -9.95 2.79
N LYS B 250 -39.41 -10.91 2.56
CA LYS B 250 -40.84 -10.63 2.52
C LYS B 250 -41.43 -10.12 3.84
N ASN B 251 -41.26 -10.89 4.92
CA ASN B 251 -41.80 -10.46 6.21
C ASN B 251 -40.82 -10.65 7.35
N PRO B 252 -39.77 -9.82 7.39
CA PRO B 252 -38.74 -9.86 8.44
C PRO B 252 -39.32 -9.37 9.76
N ASP B 253 -40.21 -10.17 10.34
CA ASP B 253 -40.89 -9.82 11.58
C ASP B 253 -40.02 -9.36 12.76
N LYS B 254 -38.86 -9.98 12.94
CA LYS B 254 -37.98 -9.69 14.05
C LYS B 254 -37.01 -8.54 13.77
N HIS B 255 -37.19 -7.43 14.46
CA HIS B 255 -36.32 -6.27 14.28
C HIS B 255 -35.40 -5.99 15.45
N LEU B 256 -34.12 -5.86 15.16
CA LEU B 256 -33.14 -5.55 16.18
C LEU B 256 -32.42 -4.26 15.80
N GLU B 257 -32.18 -3.40 16.78
CA GLU B 257 -31.46 -2.16 16.56
C GLU B 257 -30.25 -2.16 17.50
N ALA B 258 -29.09 -1.72 16.99
CA ALA B 258 -27.87 -1.70 17.78
C ALA B 258 -26.94 -0.64 17.24
N GLY B 259 -26.03 -0.15 18.10
CA GLY B 259 -25.07 0.85 17.66
C GLY B 259 -24.18 0.25 16.58
N CYS B 260 -24.00 1.00 15.49
CA CYS B 260 -23.19 0.48 14.39
C CYS B 260 -21.76 0.15 14.78
N ASP B 261 -21.06 1.10 15.43
CA ASP B 261 -19.68 0.83 15.79
C ASP B 261 -19.50 -0.26 16.82
N LEU B 262 -20.36 -0.34 17.84
CA LEU B 262 -20.18 -1.42 18.81
C LEU B 262 -20.40 -2.75 18.10
N LEU B 263 -21.39 -2.81 17.21
CA LEU B 263 -21.66 -4.06 16.51
C LEU B 263 -20.47 -4.41 15.60
N LYS B 264 -19.96 -3.42 14.89
CA LYS B 264 -18.84 -3.66 13.99
C LYS B 264 -17.61 -4.15 14.74
N GLN B 265 -17.29 -3.47 15.84
CA GLN B 265 -16.10 -3.85 16.60
C GLN B 265 -16.25 -5.25 17.20
N ALA B 266 -17.46 -5.61 17.61
CA ALA B 266 -17.67 -6.95 18.19
C ALA B 266 -17.49 -8.00 17.11
N PHE B 267 -18.06 -7.75 15.94
CA PHE B 267 -17.90 -8.72 14.84
C PHE B 267 -16.44 -8.81 14.41
N ALA B 268 -15.74 -7.68 14.41
CA ALA B 268 -14.34 -7.64 13.98
C ALA B 268 -13.48 -8.46 14.94
N ARG B 269 -13.76 -8.36 16.25
CA ARG B 269 -12.97 -9.14 17.18
C ARG B 269 -13.32 -10.64 17.06
N ALA B 270 -14.61 -10.96 16.94
CA ALA B 270 -15.02 -12.35 16.85
C ALA B 270 -14.44 -12.99 15.59
N ALA B 271 -14.37 -12.21 14.53
CA ALA B 271 -13.86 -12.70 13.25
C ALA B 271 -12.44 -13.24 13.38
N ILE B 272 -11.68 -12.71 14.32
CA ILE B 272 -10.31 -13.16 14.51
C ILE B 272 -10.25 -14.68 14.74
N LEU B 273 -11.21 -15.23 15.48
CA LEU B 273 -11.23 -16.68 15.75
C LEU B 273 -12.24 -17.47 14.93
N SER B 274 -12.63 -16.93 13.77
CA SER B 274 -13.54 -17.64 12.88
C SER B 274 -12.70 -18.43 11.88
N ASN B 275 -13.32 -19.41 11.25
CA ASN B 275 -12.63 -20.23 10.24
C ASN B 275 -12.02 -19.29 9.19
N GLU B 276 -10.72 -19.43 8.94
CA GLU B 276 -10.05 -18.55 7.99
C GLU B 276 -10.62 -18.57 6.57
N LYS B 277 -11.22 -19.69 6.19
CA LYS B 277 -11.79 -19.79 4.87
C LYS B 277 -13.28 -19.50 4.83
N PHE B 278 -14.05 -20.13 5.72
CA PHE B 278 -15.51 -19.97 5.74
C PHE B 278 -16.01 -18.75 6.53
N ARG B 279 -15.19 -18.26 7.46
CA ARG B 279 -15.51 -17.05 8.23
C ARG B 279 -16.85 -17.01 8.94
N GLY B 280 -17.37 -18.16 9.36
CA GLY B 280 -18.67 -18.14 9.99
C GLY B 280 -18.71 -17.71 11.44
N VAL B 281 -19.74 -16.94 11.77
CA VAL B 281 -19.97 -16.49 13.14
C VAL B 281 -21.44 -16.79 13.41
N ARG B 282 -21.75 -16.98 14.68
CA ARG B 282 -23.11 -17.27 15.08
C ARG B 282 -23.66 -16.08 15.86
N LEU B 283 -24.92 -15.75 15.59
CA LEU B 283 -25.61 -14.69 16.30
C LEU B 283 -26.74 -15.30 17.10
N TYR B 284 -26.82 -15.01 18.39
CA TYR B 284 -27.96 -15.51 19.18
C TYR B 284 -28.67 -14.25 19.64
N VAL B 285 -29.92 -14.09 19.21
CA VAL B 285 -30.69 -12.91 19.55
C VAL B 285 -31.66 -13.23 20.69
N SER B 286 -31.65 -12.41 21.73
CA SER B 286 -32.55 -12.60 22.87
C SER B 286 -33.04 -11.21 23.32
N GLU B 287 -33.93 -11.15 24.31
CA GLU B 287 -34.45 -9.84 24.69
C GLU B 287 -33.36 -8.83 25.00
N ASN B 288 -33.36 -7.75 24.23
CA ASN B 288 -32.37 -6.69 24.33
C ASN B 288 -30.91 -7.15 24.41
N GLN B 289 -30.61 -8.28 23.77
CA GLN B 289 -29.24 -8.78 23.78
C GLN B 289 -28.83 -9.54 22.54
N LEU B 290 -27.59 -9.32 22.11
CA LEU B 290 -27.05 -10.05 20.98
C LEU B 290 -25.75 -10.70 21.45
N LYS B 291 -25.62 -12.01 21.21
CA LYS B 291 -24.39 -12.72 21.56
C LYS B 291 -23.80 -13.19 20.23
N ILE B 292 -22.55 -12.85 19.97
CA ILE B 292 -21.86 -13.24 18.75
C ILE B 292 -20.75 -14.22 19.16
N THR B 293 -20.73 -15.39 18.52
CA THR B 293 -19.71 -16.36 18.84
C THR B 293 -19.03 -16.79 17.57
N ALA B 294 -17.76 -17.18 17.72
CA ALA B 294 -17.00 -17.66 16.59
C ALA B 294 -16.06 -18.74 17.09
N ASN B 295 -15.88 -19.79 16.30
CA ASN B 295 -14.91 -20.81 16.68
C ASN B 295 -14.23 -21.28 15.40
N ASN B 296 -13.05 -21.85 15.54
CA ASN B 296 -12.30 -22.30 14.38
C ASN B 296 -11.87 -23.75 14.55
N PRO B 297 -11.15 -24.29 13.56
CA PRO B 297 -10.70 -25.68 13.65
C PRO B 297 -9.68 -25.95 14.77
N GLU B 298 -9.05 -24.90 15.28
CA GLU B 298 -8.06 -25.07 16.35
C GLU B 298 -8.73 -25.06 17.73
N GLN B 299 -10.06 -25.16 17.75
CA GLN B 299 -10.81 -25.19 19.01
C GLN B 299 -10.85 -23.85 19.73
N GLU B 300 -10.41 -22.79 19.04
CA GLU B 300 -10.42 -21.46 19.64
C GLU B 300 -11.81 -20.91 19.57
N GLU B 301 -12.14 -20.04 20.53
CA GLU B 301 -13.48 -19.48 20.56
C GLU B 301 -13.51 -18.05 20.98
N ALA B 302 -14.40 -17.28 20.36
CA ALA B 302 -14.59 -15.88 20.73
C ALA B 302 -16.09 -15.69 21.06
N GLU B 303 -16.37 -14.85 22.06
CA GLU B 303 -17.77 -14.55 22.41
C GLU B 303 -17.86 -13.06 22.74
N GLU B 304 -18.85 -12.41 22.15
CA GLU B 304 -19.09 -10.98 22.41
C GLU B 304 -20.56 -10.84 22.80
N ILE B 305 -20.82 -10.12 23.91
CA ILE B 305 -22.22 -9.89 24.28
C ILE B 305 -22.44 -8.39 24.16
N LEU B 306 -23.55 -8.01 23.52
CA LEU B 306 -23.87 -6.58 23.32
C LEU B 306 -25.30 -6.28 23.73
N ASP B 307 -25.54 -5.08 24.25
CA ASP B 307 -26.89 -4.67 24.57
C ASP B 307 -27.45 -4.12 23.26
N VAL B 308 -28.66 -4.52 22.92
CA VAL B 308 -29.33 -4.05 21.71
C VAL B 308 -30.80 -3.86 22.06
N THR B 309 -31.58 -3.34 21.12
CA THR B 309 -33.01 -3.20 21.33
C THR B 309 -33.63 -4.35 20.54
N TYR B 310 -34.26 -5.29 21.24
CA TYR B 310 -34.91 -6.43 20.58
C TYR B 310 -35.98 -7.05 21.48
N SER B 311 -37.17 -7.30 20.91
CA SER B 311 -38.26 -7.91 21.68
C SER B 311 -38.88 -9.18 21.09
N GLY B 312 -38.40 -9.65 19.95
CA GLY B 312 -38.97 -10.86 19.38
C GLY B 312 -38.59 -12.19 20.03
N ALA B 313 -39.00 -13.28 19.38
CA ALA B 313 -38.69 -14.62 19.86
C ALA B 313 -37.18 -14.80 19.72
N GLU B 314 -36.60 -15.69 20.51
CA GLU B 314 -35.16 -15.92 20.42
C GLU B 314 -34.87 -16.69 19.15
N MET B 315 -33.68 -16.50 18.59
CA MET B 315 -33.28 -17.25 17.41
C MET B 315 -31.79 -17.17 17.25
N GLU B 316 -31.24 -18.12 16.52
CA GLU B 316 -29.82 -18.19 16.27
C GLU B 316 -29.69 -18.20 14.75
N ILE B 317 -28.62 -17.61 14.25
CA ILE B 317 -28.41 -17.56 12.81
C ILE B 317 -26.92 -17.40 12.53
N GLY B 318 -26.45 -18.06 11.47
CA GLY B 318 -25.04 -17.99 11.12
C GLY B 318 -24.80 -17.08 9.91
N PHE B 319 -23.63 -16.45 9.87
CA PHE B 319 -23.24 -15.57 8.77
C PHE B 319 -21.75 -15.59 8.49
N ASN B 320 -21.43 -15.23 7.25
CA ASN B 320 -20.06 -15.03 6.84
C ASN B 320 -19.77 -13.69 7.44
N VAL B 321 -18.87 -13.59 8.40
CA VAL B 321 -18.64 -12.31 9.07
C VAL B 321 -18.10 -11.23 8.14
N SER B 322 -17.42 -11.62 7.08
CA SER B 322 -16.90 -10.60 6.17
C SER B 322 -18.05 -9.88 5.45
N TYR B 323 -19.11 -10.62 5.10
CA TYR B 323 -20.27 -10.01 4.45
C TYR B 323 -20.95 -9.03 5.41
N VAL B 324 -21.02 -9.39 6.69
CA VAL B 324 -21.63 -8.50 7.67
C VAL B 324 -20.75 -7.25 7.90
N LEU B 325 -19.45 -7.44 8.02
CA LEU B 325 -18.55 -6.32 8.23
C LEU B 325 -18.58 -5.39 7.01
N ASP B 326 -18.66 -5.95 5.82
CA ASP B 326 -18.74 -5.12 4.61
C ASP B 326 -19.93 -4.18 4.70
N VAL B 327 -21.08 -4.70 5.15
CA VAL B 327 -22.26 -3.86 5.28
C VAL B 327 -22.11 -2.77 6.34
N LEU B 328 -21.58 -3.15 7.51
CA LEU B 328 -21.43 -2.18 8.58
C LEU B 328 -20.45 -1.10 8.20
N ASN B 329 -19.43 -1.47 7.43
CA ASN B 329 -18.45 -0.50 6.96
C ASN B 329 -19.07 0.44 5.94
N ALA B 330 -20.02 -0.04 5.13
CA ALA B 330 -20.67 0.80 4.13
C ALA B 330 -21.70 1.74 4.74
N LEU B 331 -22.26 1.34 5.88
CA LEU B 331 -23.24 2.16 6.59
C LEU B 331 -22.46 3.09 7.53
N LYS B 332 -22.34 4.35 7.16
CA LYS B 332 -21.61 5.28 8.00
C LYS B 332 -22.64 5.99 8.88
N CYS B 333 -23.19 5.25 9.85
CA CYS B 333 -24.22 5.80 10.72
C CYS B 333 -24.07 5.43 12.18
N GLU B 334 -24.94 5.98 13.02
CA GLU B 334 -24.85 5.71 14.44
C GLU B 334 -25.49 4.40 14.82
N ASN B 335 -26.68 4.12 14.30
CA ASN B 335 -27.37 2.88 14.64
C ASN B 335 -27.85 2.14 13.41
N VAL B 336 -27.89 0.81 13.52
CA VAL B 336 -28.33 -0.04 12.43
C VAL B 336 -29.52 -0.88 12.86
N ARG B 337 -30.31 -1.29 11.89
CA ARG B 337 -31.46 -2.14 12.14
C ARG B 337 -31.31 -3.41 11.31
N MET B 338 -31.42 -4.56 11.97
CA MET B 338 -31.33 -5.84 11.31
C MET B 338 -32.73 -6.41 11.36
N MET B 339 -33.23 -6.88 10.23
CA MET B 339 -34.56 -7.45 10.14
C MET B 339 -34.43 -8.93 9.80
N LEU B 340 -34.87 -9.78 10.72
CA LEU B 340 -34.74 -11.21 10.55
C LEU B 340 -36.04 -11.96 10.47
N THR B 341 -35.94 -13.19 9.98
CA THR B 341 -37.11 -14.06 9.84
C THR B 341 -36.80 -15.32 10.62
N ASP B 342 -35.79 -16.07 10.19
CA ASP B 342 -35.39 -17.28 10.87
C ASP B 342 -33.98 -17.66 10.48
N SER B 343 -33.50 -18.77 11.02
CA SER B 343 -32.15 -19.24 10.75
C SER B 343 -31.80 -19.58 9.32
N VAL B 344 -32.80 -19.83 8.48
CA VAL B 344 -32.51 -20.21 7.12
C VAL B 344 -32.89 -19.12 6.11
N SER B 345 -33.21 -17.94 6.62
CA SER B 345 -33.63 -16.89 5.72
C SER B 345 -32.70 -15.69 5.75
N SER B 346 -32.70 -14.93 4.67
CA SER B 346 -31.85 -13.75 4.56
C SER B 346 -32.20 -12.72 5.63
N VAL B 347 -31.26 -11.84 5.90
CA VAL B 347 -31.49 -10.78 6.85
C VAL B 347 -31.32 -9.50 6.04
N GLN B 348 -32.10 -8.48 6.40
CA GLN B 348 -31.99 -7.19 5.75
C GLN B 348 -31.40 -6.25 6.79
N ILE B 349 -30.39 -5.48 6.38
CA ILE B 349 -29.74 -4.54 7.29
C ILE B 349 -29.80 -3.14 6.69
N GLU B 350 -30.09 -2.17 7.55
CA GLU B 350 -30.18 -0.78 7.11
C GLU B 350 -29.78 0.18 8.21
N ASP B 351 -29.55 1.44 7.82
CA ASP B 351 -29.27 2.48 8.80
C ASP B 351 -30.62 2.59 9.53
N ALA B 352 -30.62 2.60 10.86
CA ALA B 352 -31.87 2.71 11.63
C ALA B 352 -32.57 4.05 11.37
N ALA B 353 -31.82 5.04 10.92
CA ALA B 353 -32.37 6.38 10.70
C ALA B 353 -32.67 6.72 9.24
N SER B 354 -32.49 5.77 8.33
CA SER B 354 -32.76 6.03 6.92
C SER B 354 -32.99 4.79 6.09
N GLN B 355 -33.99 4.83 5.22
CA GLN B 355 -34.28 3.70 4.36
C GLN B 355 -33.64 3.91 2.99
N SER B 356 -32.71 4.86 2.90
CA SER B 356 -32.02 5.17 1.63
C SER B 356 -31.32 3.95 1.05
N ALA B 357 -30.66 3.19 1.91
CA ALA B 357 -29.95 2.01 1.45
C ALA B 357 -30.44 0.78 2.20
N ALA B 358 -30.35 -0.37 1.53
CA ALA B 358 -30.74 -1.62 2.15
C ALA B 358 -29.78 -2.73 1.72
N TYR B 359 -29.45 -3.62 2.66
CA TYR B 359 -28.53 -4.71 2.40
C TYR B 359 -29.17 -6.02 2.76
N VAL B 360 -29.05 -7.00 1.87
CA VAL B 360 -29.62 -8.30 2.13
C VAL B 360 -28.47 -9.28 2.15
N VAL B 361 -28.36 -10.04 3.25
CA VAL B 361 -27.30 -11.02 3.36
C VAL B 361 -27.91 -12.36 3.69
N MET B 362 -27.51 -13.38 2.93
CA MET B 362 -28.01 -14.72 3.14
C MET B 362 -27.18 -15.38 4.23
N PRO B 363 -27.81 -16.18 5.09
CA PRO B 363 -27.04 -16.84 6.15
C PRO B 363 -26.31 -18.10 5.72
N MET B 364 -25.53 -18.66 6.62
CA MET B 364 -24.82 -19.89 6.31
C MET B 364 -25.13 -20.89 7.42
N ARG B 365 -24.96 -22.17 7.11
CA ARG B 365 -25.25 -23.21 8.09
C ARG B 365 -23.99 -23.59 8.85
N LEU B 366 -24.00 -23.34 10.15
CA LEU B 366 -22.87 -23.73 10.99
C LEU B 366 -23.28 -25.05 11.65
N ARG C 10 -21.05 -23.65 3.59
CA ARG C 10 -22.39 -23.66 4.24
C ARG C 10 -23.22 -22.43 3.84
N GLN C 11 -22.66 -21.63 2.95
CA GLN C 11 -23.30 -20.41 2.46
C GLN C 11 -24.55 -20.65 1.62
N LEU C 12 -25.66 -20.03 2.03
CA LEU C 12 -26.91 -20.14 1.29
C LEU C 12 -26.95 -19.00 0.27
N VAL C 13 -27.88 -19.09 -0.69
CA VAL C 13 -27.96 -18.06 -1.73
C VAL C 13 -29.31 -17.35 -1.81
N LEU C 14 -29.27 -16.12 -2.32
CA LEU C 14 -30.47 -15.31 -2.46
C LEU C 14 -31.34 -15.75 -3.63
N GLY C 15 -32.63 -15.46 -3.53
CA GLY C 15 -33.54 -15.77 -4.62
C GLY C 15 -33.61 -14.54 -5.51
N LEU C 16 -32.64 -14.43 -6.42
CA LEU C 16 -32.55 -13.30 -7.32
C LEU C 16 -33.60 -13.29 -8.42
#